data_3BS3
# 
_entry.id   3BS3 
# 
_audit_conform.dict_name       mmcif_pdbx.dic 
_audit_conform.dict_version    5.398 
_audit_conform.dict_location   http://mmcif.pdb.org/dictionaries/ascii/mmcif_pdbx.dic 
# 
loop_
_database_2.database_id 
_database_2.database_code 
_database_2.pdbx_database_accession 
_database_2.pdbx_DOI 
PDB   3BS3         pdb_00003bs3 10.2210/pdb3bs3/pdb 
RCSB  RCSB045898   ?            ?                   
WWPDB D_1000045898 ?            ?                   
# 
loop_
_pdbx_audit_revision_history.ordinal 
_pdbx_audit_revision_history.data_content_type 
_pdbx_audit_revision_history.major_revision 
_pdbx_audit_revision_history.minor_revision 
_pdbx_audit_revision_history.revision_date 
1 'Structure model' 1 0 2008-01-15 
2 'Structure model' 1 1 2011-07-13 
3 'Structure model' 1 2 2017-10-25 
4 'Structure model' 1 3 2024-10-30 
# 
_pdbx_audit_revision_details.ordinal             1 
_pdbx_audit_revision_details.revision_ordinal    1 
_pdbx_audit_revision_details.data_content_type   'Structure model' 
_pdbx_audit_revision_details.provider            repository 
_pdbx_audit_revision_details.type                'Initial release' 
_pdbx_audit_revision_details.description         ? 
_pdbx_audit_revision_details.details             ? 
# 
loop_
_pdbx_audit_revision_group.ordinal 
_pdbx_audit_revision_group.revision_ordinal 
_pdbx_audit_revision_group.data_content_type 
_pdbx_audit_revision_group.group 
1 2 'Structure model' Advisory                    
2 2 'Structure model' 'Source and taxonomy'       
3 2 'Structure model' 'Version format compliance' 
4 3 'Structure model' 'Refinement description'    
5 4 'Structure model' 'Data collection'           
6 4 'Structure model' 'Database references'       
7 4 'Structure model' 'Derived calculations'      
8 4 'Structure model' 'Structure summary'         
# 
loop_
_pdbx_audit_revision_category.ordinal 
_pdbx_audit_revision_category.revision_ordinal 
_pdbx_audit_revision_category.data_content_type 
_pdbx_audit_revision_category.category 
1 3 'Structure model' software                  
2 4 'Structure model' chem_comp_atom            
3 4 'Structure model' chem_comp_bond            
4 4 'Structure model' database_2                
5 4 'Structure model' pdbx_entry_details        
6 4 'Structure model' pdbx_modification_feature 
7 4 'Structure model' struct_conn               
8 4 'Structure model' struct_ref_seq_dif        
9 4 'Structure model' struct_site               
# 
loop_
_pdbx_audit_revision_item.ordinal 
_pdbx_audit_revision_item.revision_ordinal 
_pdbx_audit_revision_item.data_content_type 
_pdbx_audit_revision_item.item 
1 4 'Structure model' '_database_2.pdbx_DOI'                
2 4 'Structure model' '_database_2.pdbx_database_accession' 
3 4 'Structure model' '_struct_conn.pdbx_leaving_atom_flag' 
4 4 'Structure model' '_struct_ref_seq_dif.details'         
5 4 'Structure model' '_struct_site.pdbx_auth_asym_id'      
6 4 'Structure model' '_struct_site.pdbx_auth_comp_id'      
7 4 'Structure model' '_struct_site.pdbx_auth_seq_id'       
# 
_pdbx_database_status.entry_id                        3BS3 
_pdbx_database_status.deposit_site                    RCSB 
_pdbx_database_status.process_site                    RCSB 
_pdbx_database_status.recvd_initial_deposition_date   2007-12-21 
_pdbx_database_status.status_code                     REL 
_pdbx_database_status.status_code_sf                  REL 
_pdbx_database_status.status_code_mr                  ? 
_pdbx_database_status.SG_entry                        Y 
_pdbx_database_status.pdb_format_compatible           Y 
_pdbx_database_status.status_code_cs                  ? 
_pdbx_database_status.methods_development_category    ? 
_pdbx_database_status.status_code_nmr_data            ? 
# 
_pdbx_database_related.db_name        TargetDB 
_pdbx_database_related.db_id          APC89109 
_pdbx_database_related.details        . 
_pdbx_database_related.content_type   unspecified 
# 
loop_
_audit_author.name 
_audit_author.pdbx_ordinal 
'Cuff, M.E.'                                    1 
'Bigelow, L.'                                   2 
'Clancy, S.'                                    3 
'Joachimiak, A.'                                4 
'Midwest Center for Structural Genomics (MCSG)' 5 
# 
_citation.id                        primary 
_citation.title                     'The structure of a putative DNA-binding protein from Bacteroides fragilis.' 
_citation.journal_abbrev            'TO BE PUBLISHED' 
_citation.journal_volume            ? 
_citation.page_first                ? 
_citation.page_last                 ? 
_citation.year                      ? 
_citation.journal_id_ASTM           ? 
_citation.country                   ? 
_citation.journal_id_ISSN           ? 
_citation.journal_id_CSD            0353 
_citation.book_publisher            ? 
_citation.pdbx_database_id_PubMed   ? 
_citation.pdbx_database_id_DOI      ? 
# 
loop_
_citation_author.citation_id 
_citation_author.name 
_citation_author.ordinal 
_citation_author.identifier_ORCID 
primary 'Cuff, M.E.'     1 ? 
primary 'Bigelow, L.'    2 ? 
primary 'Clancy, S.'     3 ? 
primary 'Joachimiak, A.' 4 ? 
# 
loop_
_entity.id 
_entity.type 
_entity.src_method 
_entity.pdbx_description 
_entity.formula_weight 
_entity.pdbx_number_of_molecules 
_entity.pdbx_ec 
_entity.pdbx_mutation 
_entity.pdbx_fragment 
_entity.details 
1 polymer     man 'Putative DNA-binding protein' 8987.688 1  ? ? ? ? 
2 non-polymer syn 'SULFATE ION'                  96.063   1  ? ? ? ? 
3 non-polymer syn 1,2-ETHANEDIOL                 62.068   1  ? ? ? ? 
4 water       nat water                          18.015   83 ? ? ? ? 
# 
_entity_poly.entity_id                      1 
_entity_poly.type                           'polypeptide(L)' 
_entity_poly.nstd_linkage                   no 
_entity_poly.nstd_monomer                   yes 
_entity_poly.pdbx_seq_one_letter_code       
;SNA(MSE)SNNQQ(MSE)(MSE)LNRIKVVLAEKQRTNRWLAEQ(MSE)GKSENTISRWCSNKSQPSLD(MSE)LVKVAE
LLNVDPRQLINGKIKI
;
_entity_poly.pdbx_seq_one_letter_code_can   SNAMSNNQQMMLNRIKVVLAEKQRTNRWLAEQMGKSENTISRWCSNKSQPSLDMLVKVAELLNVDPRQLINGKIKI 
_entity_poly.pdbx_strand_id                 A 
_entity_poly.pdbx_target_identifier         APC89109 
# 
loop_
_pdbx_entity_nonpoly.entity_id 
_pdbx_entity_nonpoly.name 
_pdbx_entity_nonpoly.comp_id 
2 'SULFATE ION'  SO4 
3 1,2-ETHANEDIOL EDO 
4 water          HOH 
# 
loop_
_entity_poly_seq.entity_id 
_entity_poly_seq.num 
_entity_poly_seq.mon_id 
_entity_poly_seq.hetero 
1 1  SER n 
1 2  ASN n 
1 3  ALA n 
1 4  MSE n 
1 5  SER n 
1 6  ASN n 
1 7  ASN n 
1 8  GLN n 
1 9  GLN n 
1 10 MSE n 
1 11 MSE n 
1 12 LEU n 
1 13 ASN n 
1 14 ARG n 
1 15 ILE n 
1 16 LYS n 
1 17 VAL n 
1 18 VAL n 
1 19 LEU n 
1 20 ALA n 
1 21 GLU n 
1 22 LYS n 
1 23 GLN n 
1 24 ARG n 
1 25 THR n 
1 26 ASN n 
1 27 ARG n 
1 28 TRP n 
1 29 LEU n 
1 30 ALA n 
1 31 GLU n 
1 32 GLN n 
1 33 MSE n 
1 34 GLY n 
1 35 LYS n 
1 36 SER n 
1 37 GLU n 
1 38 ASN n 
1 39 THR n 
1 40 ILE n 
1 41 SER n 
1 42 ARG n 
1 43 TRP n 
1 44 CYS n 
1 45 SER n 
1 46 ASN n 
1 47 LYS n 
1 48 SER n 
1 49 GLN n 
1 50 PRO n 
1 51 SER n 
1 52 LEU n 
1 53 ASP n 
1 54 MSE n 
1 55 LEU n 
1 56 VAL n 
1 57 LYS n 
1 58 VAL n 
1 59 ALA n 
1 60 GLU n 
1 61 LEU n 
1 62 LEU n 
1 63 ASN n 
1 64 VAL n 
1 65 ASP n 
1 66 PRO n 
1 67 ARG n 
1 68 GLN n 
1 69 LEU n 
1 70 ILE n 
1 71 ASN n 
1 72 GLY n 
1 73 LYS n 
1 74 ILE n 
1 75 LYS n 
1 76 ILE n 
# 
_entity_src_gen.entity_id                          1 
_entity_src_gen.pdbx_src_id                        1 
_entity_src_gen.pdbx_alt_source_flag               sample 
_entity_src_gen.pdbx_seq_type                      ? 
_entity_src_gen.pdbx_beg_seq_num                   ? 
_entity_src_gen.pdbx_end_seq_num                   ? 
_entity_src_gen.gene_src_common_name               ? 
_entity_src_gen.gene_src_genus                     Bacteroides 
_entity_src_gen.pdbx_gene_src_gene                 BF1076 
_entity_src_gen.gene_src_species                   'Bacteroides fragilis' 
_entity_src_gen.gene_src_strain                    'NCTC 9343' 
_entity_src_gen.gene_src_tissue                    ? 
_entity_src_gen.gene_src_tissue_fraction           ? 
_entity_src_gen.gene_src_details                   ? 
_entity_src_gen.pdbx_gene_src_fragment             ? 
_entity_src_gen.pdbx_gene_src_scientific_name      'Bacteroides fragilis' 
_entity_src_gen.pdbx_gene_src_ncbi_taxonomy_id     272559 
_entity_src_gen.pdbx_gene_src_variant              ? 
_entity_src_gen.pdbx_gene_src_cell_line            ? 
_entity_src_gen.pdbx_gene_src_atcc                 25285 
_entity_src_gen.pdbx_gene_src_organ                ? 
_entity_src_gen.pdbx_gene_src_organelle            ? 
_entity_src_gen.pdbx_gene_src_cell                 ? 
_entity_src_gen.pdbx_gene_src_cellular_location    ? 
_entity_src_gen.host_org_common_name               ? 
_entity_src_gen.pdbx_host_org_scientific_name      'Escherichia coli BL21(DE3)' 
_entity_src_gen.pdbx_host_org_ncbi_taxonomy_id     469008 
_entity_src_gen.host_org_genus                     Escherichia 
_entity_src_gen.pdbx_host_org_gene                 ? 
_entity_src_gen.pdbx_host_org_organ                ? 
_entity_src_gen.host_org_species                   'Escherichia coli' 
_entity_src_gen.pdbx_host_org_tissue               ? 
_entity_src_gen.pdbx_host_org_tissue_fraction      ? 
_entity_src_gen.pdbx_host_org_strain               'BL21(DE3)' 
_entity_src_gen.pdbx_host_org_variant              ? 
_entity_src_gen.pdbx_host_org_cell_line            ? 
_entity_src_gen.pdbx_host_org_atcc                 ? 
_entity_src_gen.pdbx_host_org_culture_collection   ? 
_entity_src_gen.pdbx_host_org_cell                 ? 
_entity_src_gen.pdbx_host_org_organelle            ? 
_entity_src_gen.pdbx_host_org_cellular_location    ? 
_entity_src_gen.pdbx_host_org_vector_type          Plasmid 
_entity_src_gen.pdbx_host_org_vector               ? 
_entity_src_gen.host_org_details                   ? 
_entity_src_gen.expression_system_id               ? 
_entity_src_gen.plasmid_name                       pMCSG7 
_entity_src_gen.plasmid_details                    ? 
_entity_src_gen.pdbx_description                   ? 
# 
loop_
_chem_comp.id 
_chem_comp.type 
_chem_comp.mon_nstd_flag 
_chem_comp.name 
_chem_comp.pdbx_synonyms 
_chem_comp.formula 
_chem_comp.formula_weight 
ALA 'L-peptide linking' y ALANINE          ?                 'C3 H7 N O2'     89.093  
ARG 'L-peptide linking' y ARGININE         ?                 'C6 H15 N4 O2 1' 175.209 
ASN 'L-peptide linking' y ASPARAGINE       ?                 'C4 H8 N2 O3'    132.118 
ASP 'L-peptide linking' y 'ASPARTIC ACID'  ?                 'C4 H7 N O4'     133.103 
CYS 'L-peptide linking' y CYSTEINE         ?                 'C3 H7 N O2 S'   121.158 
EDO non-polymer         . 1,2-ETHANEDIOL   'ETHYLENE GLYCOL' 'C2 H6 O2'       62.068  
GLN 'L-peptide linking' y GLUTAMINE        ?                 'C5 H10 N2 O3'   146.144 
GLU 'L-peptide linking' y 'GLUTAMIC ACID'  ?                 'C5 H9 N O4'     147.129 
GLY 'peptide linking'   y GLYCINE          ?                 'C2 H5 N O2'     75.067  
HOH non-polymer         . WATER            ?                 'H2 O'           18.015  
ILE 'L-peptide linking' y ISOLEUCINE       ?                 'C6 H13 N O2'    131.173 
LEU 'L-peptide linking' y LEUCINE          ?                 'C6 H13 N O2'    131.173 
LYS 'L-peptide linking' y LYSINE           ?                 'C6 H15 N2 O2 1' 147.195 
MSE 'L-peptide linking' n SELENOMETHIONINE ?                 'C5 H11 N O2 Se' 196.106 
PRO 'L-peptide linking' y PROLINE          ?                 'C5 H9 N O2'     115.130 
SER 'L-peptide linking' y SERINE           ?                 'C3 H7 N O3'     105.093 
SO4 non-polymer         . 'SULFATE ION'    ?                 'O4 S -2'        96.063  
THR 'L-peptide linking' y THREONINE        ?                 'C4 H9 N O3'     119.119 
TRP 'L-peptide linking' y TRYPTOPHAN       ?                 'C11 H12 N2 O2'  204.225 
VAL 'L-peptide linking' y VALINE           ?                 'C5 H11 N O2'    117.146 
# 
loop_
_pdbx_poly_seq_scheme.asym_id 
_pdbx_poly_seq_scheme.entity_id 
_pdbx_poly_seq_scheme.seq_id 
_pdbx_poly_seq_scheme.mon_id 
_pdbx_poly_seq_scheme.ndb_seq_num 
_pdbx_poly_seq_scheme.pdb_seq_num 
_pdbx_poly_seq_scheme.auth_seq_num 
_pdbx_poly_seq_scheme.pdb_mon_id 
_pdbx_poly_seq_scheme.auth_mon_id 
_pdbx_poly_seq_scheme.pdb_strand_id 
_pdbx_poly_seq_scheme.pdb_ins_code 
_pdbx_poly_seq_scheme.hetero 
A 1 1  SER 1  -2 ?  ?   ?   A . n 
A 1 2  ASN 2  -1 ?  ?   ?   A . n 
A 1 3  ALA 3  0  ?  ?   ?   A . n 
A 1 4  MSE 4  1  ?  ?   ?   A . n 
A 1 5  SER 5  2  ?  ?   ?   A . n 
A 1 6  ASN 6  3  ?  ?   ?   A . n 
A 1 7  ASN 7  4  ?  ?   ?   A . n 
A 1 8  GLN 8  5  ?  ?   ?   A . n 
A 1 9  GLN 9  6  ?  ?   ?   A . n 
A 1 10 MSE 10 7  7  MSE MSE A . n 
A 1 11 MSE 11 8  8  MSE MSE A . n 
A 1 12 LEU 12 9  9  LEU LEU A . n 
A 1 13 ASN 13 10 10 ASN ASN A . n 
A 1 14 ARG 14 11 11 ARG ARG A . n 
A 1 15 ILE 15 12 12 ILE ILE A . n 
A 1 16 LYS 16 13 13 LYS LYS A . n 
A 1 17 VAL 17 14 14 VAL VAL A . n 
A 1 18 VAL 18 15 15 VAL VAL A . n 
A 1 19 LEU 19 16 16 LEU LEU A . n 
A 1 20 ALA 20 17 17 ALA ALA A . n 
A 1 21 GLU 21 18 18 GLU GLU A . n 
A 1 22 LYS 22 19 19 LYS LYS A . n 
A 1 23 GLN 23 20 20 GLN GLN A . n 
A 1 24 ARG 24 21 21 ARG ARG A . n 
A 1 25 THR 25 22 22 THR THR A . n 
A 1 26 ASN 26 23 23 ASN ASN A . n 
A 1 27 ARG 27 24 24 ARG ARG A . n 
A 1 28 TRP 28 25 25 TRP TRP A . n 
A 1 29 LEU 29 26 26 LEU LEU A . n 
A 1 30 ALA 30 27 27 ALA ALA A . n 
A 1 31 GLU 31 28 28 GLU GLU A . n 
A 1 32 GLN 32 29 29 GLN GLN A . n 
A 1 33 MSE 33 30 30 MSE MSE A . n 
A 1 34 GLY 34 31 31 GLY GLY A . n 
A 1 35 LYS 35 32 32 LYS LYS A . n 
A 1 36 SER 36 33 33 SER SER A . n 
A 1 37 GLU 37 34 34 GLU GLU A . n 
A 1 38 ASN 38 35 35 ASN ASN A . n 
A 1 39 THR 39 36 36 THR THR A . n 
A 1 40 ILE 40 37 37 ILE ILE A . n 
A 1 41 SER 41 38 38 SER SER A . n 
A 1 42 ARG 42 39 39 ARG ARG A . n 
A 1 43 TRP 43 40 40 TRP TRP A . n 
A 1 44 CYS 44 41 41 CYS CYS A . n 
A 1 45 SER 45 42 42 SER SER A . n 
A 1 46 ASN 46 43 43 ASN ASN A . n 
A 1 47 LYS 47 44 44 LYS LYS A . n 
A 1 48 SER 48 45 45 SER SER A . n 
A 1 49 GLN 49 46 46 GLN GLN A . n 
A 1 50 PRO 50 47 47 PRO PRO A . n 
A 1 51 SER 51 48 48 SER SER A . n 
A 1 52 LEU 52 49 49 LEU LEU A . n 
A 1 53 ASP 53 50 50 ASP ASP A . n 
A 1 54 MSE 54 51 51 MSE MSE A . n 
A 1 55 LEU 55 52 52 LEU LEU A . n 
A 1 56 VAL 56 53 53 VAL VAL A . n 
A 1 57 LYS 57 54 54 LYS LYS A . n 
A 1 58 VAL 58 55 55 VAL VAL A . n 
A 1 59 ALA 59 56 56 ALA ALA A . n 
A 1 60 GLU 60 57 57 GLU GLU A . n 
A 1 61 LEU 61 58 58 LEU LEU A . n 
A 1 62 LEU 62 59 59 LEU LEU A . n 
A 1 63 ASN 63 60 60 ASN ASN A . n 
A 1 64 VAL 64 61 61 VAL VAL A . n 
A 1 65 ASP 65 62 62 ASP ASP A . n 
A 1 66 PRO 66 63 63 PRO PRO A . n 
A 1 67 ARG 67 64 64 ARG ARG A . n 
A 1 68 GLN 68 65 65 GLN GLN A . n 
A 1 69 LEU 69 66 66 LEU LEU A . n 
A 1 70 ILE 70 67 67 ILE ILE A . n 
A 1 71 ASN 71 68 68 ASN ASN A . n 
A 1 72 GLY 72 69 ?  ?   ?   A . n 
A 1 73 LYS 73 70 ?  ?   ?   A . n 
A 1 74 ILE 74 71 ?  ?   ?   A . n 
A 1 75 LYS 75 72 ?  ?   ?   A . n 
A 1 76 ILE 76 73 ?  ?   ?   A . n 
# 
loop_
_pdbx_nonpoly_scheme.asym_id 
_pdbx_nonpoly_scheme.entity_id 
_pdbx_nonpoly_scheme.mon_id 
_pdbx_nonpoly_scheme.ndb_seq_num 
_pdbx_nonpoly_scheme.pdb_seq_num 
_pdbx_nonpoly_scheme.auth_seq_num 
_pdbx_nonpoly_scheme.pdb_mon_id 
_pdbx_nonpoly_scheme.auth_mon_id 
_pdbx_nonpoly_scheme.pdb_strand_id 
_pdbx_nonpoly_scheme.pdb_ins_code 
B 2 SO4 1  101 101 SO4 SO4 A . 
C 3 EDO 1  102 102 EDO EDO A . 
D 4 HOH 1  103 1   HOH HOH A . 
D 4 HOH 2  104 2   HOH HOH A . 
D 4 HOH 3  105 3   HOH HOH A . 
D 4 HOH 4  106 4   HOH HOH A . 
D 4 HOH 5  107 5   HOH HOH A . 
D 4 HOH 6  108 6   HOH HOH A . 
D 4 HOH 7  109 7   HOH HOH A . 
D 4 HOH 8  110 8   HOH HOH A . 
D 4 HOH 9  111 9   HOH HOH A . 
D 4 HOH 10 112 10  HOH HOH A . 
D 4 HOH 11 113 11  HOH HOH A . 
D 4 HOH 12 114 12  HOH HOH A . 
D 4 HOH 13 115 13  HOH HOH A . 
D 4 HOH 14 116 14  HOH HOH A . 
D 4 HOH 15 117 15  HOH HOH A . 
D 4 HOH 16 118 16  HOH HOH A . 
D 4 HOH 17 119 17  HOH HOH A . 
D 4 HOH 18 120 18  HOH HOH A . 
D 4 HOH 19 121 19  HOH HOH A . 
D 4 HOH 20 122 20  HOH HOH A . 
D 4 HOH 21 123 21  HOH HOH A . 
D 4 HOH 22 124 22  HOH HOH A . 
D 4 HOH 23 125 23  HOH HOH A . 
D 4 HOH 24 126 24  HOH HOH A . 
D 4 HOH 25 127 25  HOH HOH A . 
D 4 HOH 26 128 26  HOH HOH A . 
D 4 HOH 27 129 27  HOH HOH A . 
D 4 HOH 28 130 28  HOH HOH A . 
D 4 HOH 29 131 29  HOH HOH A . 
D 4 HOH 30 132 30  HOH HOH A . 
D 4 HOH 31 133 31  HOH HOH A . 
D 4 HOH 32 134 32  HOH HOH A . 
D 4 HOH 33 135 33  HOH HOH A . 
D 4 HOH 34 136 34  HOH HOH A . 
D 4 HOH 35 137 35  HOH HOH A . 
D 4 HOH 36 138 36  HOH HOH A . 
D 4 HOH 37 139 37  HOH HOH A . 
D 4 HOH 38 140 38  HOH HOH A . 
D 4 HOH 39 141 39  HOH HOH A . 
D 4 HOH 40 142 40  HOH HOH A . 
D 4 HOH 41 143 41  HOH HOH A . 
D 4 HOH 42 144 42  HOH HOH A . 
D 4 HOH 43 145 43  HOH HOH A . 
D 4 HOH 44 146 44  HOH HOH A . 
D 4 HOH 45 147 45  HOH HOH A . 
D 4 HOH 46 148 46  HOH HOH A . 
D 4 HOH 47 149 47  HOH HOH A . 
D 4 HOH 48 150 48  HOH HOH A . 
D 4 HOH 49 151 49  HOH HOH A . 
D 4 HOH 50 152 50  HOH HOH A . 
D 4 HOH 51 153 51  HOH HOH A . 
D 4 HOH 52 154 52  HOH HOH A . 
D 4 HOH 53 155 53  HOH HOH A . 
D 4 HOH 54 156 54  HOH HOH A . 
D 4 HOH 55 157 55  HOH HOH A . 
D 4 HOH 56 158 56  HOH HOH A . 
D 4 HOH 57 159 57  HOH HOH A . 
D 4 HOH 58 160 58  HOH HOH A . 
D 4 HOH 59 161 59  HOH HOH A . 
D 4 HOH 60 162 60  HOH HOH A . 
D 4 HOH 61 163 61  HOH HOH A . 
D 4 HOH 62 164 62  HOH HOH A . 
D 4 HOH 63 165 63  HOH HOH A . 
D 4 HOH 64 166 64  HOH HOH A . 
D 4 HOH 65 167 65  HOH HOH A . 
D 4 HOH 66 168 66  HOH HOH A . 
D 4 HOH 67 169 67  HOH HOH A . 
D 4 HOH 68 170 68  HOH HOH A . 
D 4 HOH 69 171 69  HOH HOH A . 
D 4 HOH 70 172 70  HOH HOH A . 
D 4 HOH 71 173 71  HOH HOH A . 
D 4 HOH 72 174 72  HOH HOH A . 
D 4 HOH 73 175 73  HOH HOH A . 
D 4 HOH 74 176 74  HOH HOH A . 
D 4 HOH 75 177 75  HOH HOH A . 
D 4 HOH 76 178 76  HOH HOH A . 
D 4 HOH 77 179 77  HOH HOH A . 
D 4 HOH 78 180 78  HOH HOH A . 
D 4 HOH 79 181 79  HOH HOH A . 
D 4 HOH 80 182 80  HOH HOH A . 
D 4 HOH 81 183 81  HOH HOH A . 
D 4 HOH 82 184 82  HOH HOH A . 
D 4 HOH 83 185 83  HOH HOH A . 
# 
loop_
_software.name 
_software.version 
_software.date 
_software.type 
_software.contact_author 
_software.contact_author_email 
_software.classification 
_software.location 
_software.language 
_software.citation_id 
_software.pdbx_ordinal 
DENZO       .     ?                    package 'Zbyszek Otwinowski'       zbyszek@mix.swmed.edu                   'data reduction' 
http://www.lnls.br/infra/linhasluz/denzo-hkl.htm ?          ? 1  
SCALEPACK   .     ?                    package 'Zbyszek Otwinowski'       zbyszek@mix.swmed.edu                   'data scaling' 
http://www.lnls.br/infra/linhasluz/denzo-hkl.htm ?          ? 2  
MLPHARE     .     ?                    other   'Z.Otwinowski or E.Dodson' 'ccp4@dl.ac.uk, ccp4@yorvic.york.ac.uk' phasing 
http://www.ccp4.ac.uk/main.html                  Fortran_77 ? 3  
DM          5.0   ?                    program 'K. Cowtan'                ccp4@dl.ac.uk                           phasing 
http://www.ccp4.ac.uk/main.html                  Fortran_77 ? 4  
REFMAC      .     ?                    program 'Murshudov, G.N.'          ccp4@dl.ac.uk                           refinement 
http://www.ccp4.ac.uk/main.html                  Fortran_77 ? 5  
PDB_EXTRACT 3.004 'September 10, 2007' package PDB                        sw-help@rcsb.rutgers.edu                
'data extraction' http://pdb.rutgers.edu/software/                 C++        ? 6  
SBC-Collect .     ?                    ?       ?                          ?                                       
'data collection' ?                                                ?          ? 7  
HKL-3000    .     ?                    ?       ?                          ?                                       'data reduction' 
?                                                ?          ? 8  
HKL-3000    .     ?                    ?       ?                          ?                                       'data scaling' ? 
?          ? 9  
HKL-3000    .     ?                    ?       ?                          ?                                       phasing ? ? ? 10 
SHELXD      .     ?                    ?       ?                          ?                                       phasing ? ? ? 11 
SHELXE      .     ?                    ?       ?                          ?                                       'model building' 
?                                                ?          ? 12 
SOLVE       .     ?                    ?       ?                          ?                                       phasing ? ? ? 13 
RESOLVE     .     ?                    ?       ?                          ?                                       phasing ? ? ? 14 
ARP/wARP    .     ?                    ?       ?                          ?                                       'model building' 
?                                                ?          ? 15 
CCP4        .     ?                    ?       ?                          ?                                       phasing ? ? ? 16 
O           .     ?                    ?       ?                          ?                                       'model building' 
?                                                ?          ? 17 
Coot        .     ?                    ?       ?                          ?                                       'model building' 
?                                                ?          ? 18 
# 
_cell.length_a           63.337 
_cell.length_b           63.337 
_cell.length_c           34.706 
_cell.angle_alpha        90.000 
_cell.angle_beta         90.000 
_cell.angle_gamma        120.000 
_cell.entry_id           3BS3 
_cell.pdbx_unique_axis   ? 
_cell.Z_PDB              6 
_cell.length_a_esd       ? 
_cell.length_b_esd       ? 
_cell.length_c_esd       ? 
_cell.angle_alpha_esd    ? 
_cell.angle_beta_esd     ? 
_cell.angle_gamma_esd    ? 
# 
_symmetry.space_group_name_H-M             'P 31 2 1' 
_symmetry.entry_id                         3BS3 
_symmetry.Int_Tables_number                152 
_symmetry.pdbx_full_space_group_name_H-M   ? 
_symmetry.cell_setting                     ? 
_symmetry.space_group_name_Hall            ? 
# 
_exptl.crystals_number   1 
_exptl.entry_id          3BS3 
_exptl.method            'X-RAY DIFFRACTION' 
# 
_exptl_crystal.id                    1 
_exptl_crystal.density_Matthews      2.24 
_exptl_crystal.density_meas          ? 
_exptl_crystal.density_percent_sol   44.99 
_exptl_crystal.description           ? 
_exptl_crystal.F_000                 ? 
_exptl_crystal.preparation           ? 
# 
_exptl_crystal_grow.crystal_id      1 
_exptl_crystal_grow.method          'VAPOR DIFFUSION, SITTING DROP' 
_exptl_crystal_grow.pH              8.5 
_exptl_crystal_grow.temp            291 
_exptl_crystal_grow.temp_details    ? 
_exptl_crystal_grow.pdbx_details    
'0.1M Tris-HCl pH 8.5, 0.2M LiSO4, 1.25M (NH4)2SO4, VAPOR DIFFUSION, SITTING DROP, temperature 291K' 
_exptl_crystal_grow.pdbx_pH_range   . 
# 
_diffrn.id                     1 
_diffrn.ambient_temp           100 
_diffrn.ambient_temp_details   ? 
_diffrn.crystal_id             1 
# 
_diffrn_detector.diffrn_id              1 
_diffrn_detector.detector               CCD 
_diffrn_detector.type                   'ADSC QUANTUM 315' 
_diffrn_detector.pdbx_collection_date   2007-11-17 
_diffrn_detector.details                ? 
# 
_diffrn_radiation.diffrn_id                        1 
_diffrn_radiation.wavelength_id                    1 
_diffrn_radiation.pdbx_diffrn_protocol             MAD 
_diffrn_radiation.monochromator                    'SAGITALLY FOCUSED Si(111)' 
_diffrn_radiation.pdbx_monochromatic_or_laue_m_l   M 
_diffrn_radiation.pdbx_scattering_type             x-ray 
# 
loop_
_diffrn_radiation_wavelength.id 
_diffrn_radiation_wavelength.wavelength 
_diffrn_radiation_wavelength.wt 
1 0.97931 1.0 
2 0.97945 1.0 
# 
_diffrn_source.diffrn_id                   1 
_diffrn_source.source                      SYNCHROTRON 
_diffrn_source.type                        'APS BEAMLINE 19-ID' 
_diffrn_source.pdbx_wavelength             ? 
_diffrn_source.pdbx_wavelength_list        '0.97931, 0.97945' 
_diffrn_source.pdbx_synchrotron_site       APS 
_diffrn_source.pdbx_synchrotron_beamline   19-ID 
# 
_reflns.entry_id                     3BS3 
_reflns.d_resolution_high            1.65 
_reflns.d_resolution_low             50.00 
_reflns.number_obs                   9728 
_reflns.pdbx_Rmerge_I_obs            0.094 
_reflns.pdbx_netI_over_sigmaI        9.200 
_reflns.pdbx_chi_squared             2.071 
_reflns.pdbx_redundancy              11.900 
_reflns.percent_possible_obs         98.000 
_reflns.observed_criterion_sigma_F   ? 
_reflns.observed_criterion_sigma_I   -3 
_reflns.number_all                   9728 
_reflns.pdbx_Rsym_value              ? 
_reflns.B_iso_Wilson_estimate        26.1 
_reflns.R_free_details               ? 
_reflns.limit_h_max                  ? 
_reflns.limit_h_min                  ? 
_reflns.limit_k_max                  ? 
_reflns.limit_k_min                  ? 
_reflns.limit_l_max                  ? 
_reflns.limit_l_min                  ? 
_reflns.observed_criterion_F_max     ? 
_reflns.observed_criterion_F_min     ? 
_reflns.pdbx_scaling_rejects         ? 
_reflns.pdbx_ordinal                 1 
_reflns.pdbx_diffrn_id               1 
# 
_reflns_shell.d_res_high             1.65 
_reflns_shell.d_res_low              1.69 
_reflns_shell.number_measured_obs    ? 
_reflns_shell.number_measured_all    ? 
_reflns_shell.number_unique_obs      ? 
_reflns_shell.Rmerge_I_obs           0.509 
_reflns_shell.meanI_over_sigI_obs    2.9 
_reflns_shell.pdbx_Rsym_value        ? 
_reflns_shell.pdbx_chi_squared       0.514 
_reflns_shell.pdbx_redundancy        10.00 
_reflns_shell.percent_possible_obs   ? 
_reflns_shell.number_unique_all      632 
_reflns_shell.percent_possible_all   98.00 
_reflns_shell.pdbx_ordinal           1 
_reflns_shell.pdbx_diffrn_id         1 
# 
_refine.entry_id                                 3BS3 
_refine.ls_d_res_high                            1.650 
_refine.ls_d_res_low                             29.320 
_refine.pdbx_ls_sigma_F                          0.00 
_refine.ls_percent_reflns_obs                    98.020 
_refine.ls_number_reflns_obs                     9714 
_refine.pdbx_ls_cross_valid_method               THROUGHOUT 
_refine.pdbx_R_Free_selection_details            RANDOM 
_refine.details                                  'HYDROGENS HAVE BEEN ADDED IN THE RIDING POSITIONS' 
_refine.ls_R_factor_obs                          0.185 
_refine.ls_R_factor_R_work                       0.183 
_refine.ls_R_factor_R_free                       0.219 
_refine.ls_percent_reflns_R_free                 4.800 
_refine.ls_number_reflns_R_free                  463 
_refine.B_iso_mean                               32.059 
_refine.aniso_B[1][1]                            -1.100 
_refine.aniso_B[2][2]                            -1.100 
_refine.aniso_B[3][3]                            1.660 
_refine.aniso_B[1][2]                            -0.550 
_refine.aniso_B[1][3]                            0.000 
_refine.aniso_B[2][3]                            0.000 
_refine.correlation_coeff_Fo_to_Fc               0.962 
_refine.correlation_coeff_Fo_to_Fc_free          0.958 
_refine.pdbx_overall_ESU_R                       0.099 
_refine.pdbx_overall_ESU_R_Free                  0.099 
_refine.overall_SU_ML                            0.060 
_refine.overall_SU_B                             3.505 
_refine.solvent_model_details                    MASK 
_refine.pdbx_solvent_vdw_probe_radii             1.200 
_refine.pdbx_solvent_ion_probe_radii             0.800 
_refine.pdbx_solvent_shrinkage_radii             0.800 
_refine.pdbx_method_to_determine_struct          MAD 
_refine.pdbx_stereochemistry_target_values       'MAXIMUM LIKELIHOOD WITH PHASES' 
_refine.pdbx_ls_sigma_I                          ? 
_refine.ls_number_reflns_all                     9714 
_refine.ls_R_factor_all                          0.185 
_refine.ls_redundancy_reflns_obs                 ? 
_refine.pdbx_data_cutoff_high_absF               ? 
_refine.pdbx_data_cutoff_low_absF                ? 
_refine.ls_number_parameters                     ? 
_refine.ls_number_restraints                     ? 
_refine.ls_R_factor_R_free_error                 ? 
_refine.ls_R_factor_R_free_error_details         ? 
_refine.pdbx_starting_model                      ? 
_refine.pdbx_stereochem_target_val_spec_case     ? 
_refine.solvent_model_param_bsol                 ? 
_refine.solvent_model_param_ksol                 ? 
_refine.occupancy_max                            ? 
_refine.occupancy_min                            ? 
_refine.pdbx_isotropic_thermal_model             ? 
_refine.B_iso_min                                ? 
_refine.B_iso_max                                ? 
_refine.overall_SU_R_Cruickshank_DPI             ? 
_refine.overall_SU_R_free                        ? 
_refine.pdbx_data_cutoff_high_rms_absF           ? 
_refine.ls_wR_factor_R_free                      ? 
_refine.ls_wR_factor_R_work                      ? 
_refine.overall_FOM_free_R_set                   ? 
_refine.overall_FOM_work_R_set                   ? 
_refine.pdbx_refine_id                           'X-RAY DIFFRACTION' 
_refine.pdbx_TLS_residual_ADP_flag               'LIKELY RESIDUAL' 
_refine.pdbx_diffrn_id                           1 
_refine.pdbx_overall_phase_error                 ? 
_refine.pdbx_overall_SU_R_free_Cruickshank_DPI   ? 
_refine.pdbx_overall_SU_R_Blow_DPI               ? 
_refine.pdbx_overall_SU_R_free_Blow_DPI          ? 
# 
_refine_hist.pdbx_refine_id                   'X-RAY DIFFRACTION' 
_refine_hist.cycle_id                         LAST 
_refine_hist.pdbx_number_atoms_protein        502 
_refine_hist.pdbx_number_atoms_nucleic_acid   0 
_refine_hist.pdbx_number_atoms_ligand         9 
_refine_hist.number_atoms_solvent             83 
_refine_hist.number_atoms_total               594 
_refine_hist.d_res_high                       1.650 
_refine_hist.d_res_low                        29.320 
# 
loop_
_refine_ls_restr.type 
_refine_ls_restr.number 
_refine_ls_restr.dev_ideal 
_refine_ls_restr.dev_ideal_target 
_refine_ls_restr.weight 
_refine_ls_restr.pdbx_refine_id 
_refine_ls_restr.pdbx_restraint_function 
r_bond_refined_d         600 0.012  0.022  ? 'X-RAY DIFFRACTION' ? 
r_angle_refined_deg      820 1.346  1.990  ? 'X-RAY DIFFRACTION' ? 
r_dihedral_angle_1_deg   85  4.079  5.000  ? 'X-RAY DIFFRACTION' ? 
r_dihedral_angle_2_deg   29  43.062 24.483 ? 'X-RAY DIFFRACTION' ? 
r_dihedral_angle_3_deg   141 14.635 15.000 ? 'X-RAY DIFFRACTION' ? 
r_dihedral_angle_4_deg   7   16.164 15.000 ? 'X-RAY DIFFRACTION' ? 
r_chiral_restr           92  0.083  0.200  ? 'X-RAY DIFFRACTION' ? 
r_gen_planes_refined     439 0.004  0.020  ? 'X-RAY DIFFRACTION' ? 
r_nbd_refined            243 0.212  0.200  ? 'X-RAY DIFFRACTION' ? 
r_nbtor_refined          407 0.305  0.200  ? 'X-RAY DIFFRACTION' ? 
r_xyhbond_nbd_refined    50  0.153  0.200  ? 'X-RAY DIFFRACTION' ? 
r_symmetry_vdw_refined   33  0.207  0.200  ? 'X-RAY DIFFRACTION' ? 
r_symmetry_hbond_refined 10  0.189  0.200  ? 'X-RAY DIFFRACTION' ? 
r_mcbond_it              358 0.989  1.500  ? 'X-RAY DIFFRACTION' ? 
r_mcangle_it             581 1.355  2.000  ? 'X-RAY DIFFRACTION' ? 
r_scbond_it              269 2.266  3.000  ? 'X-RAY DIFFRACTION' ? 
r_scangle_it             226 3.348  4.500  ? 'X-RAY DIFFRACTION' ? 
# 
_refine_ls_shell.d_res_high                       1.65 
_refine_ls_shell.d_res_low                        1.69 
_refine_ls_shell.pdbx_total_number_of_bins_used   20 
_refine_ls_shell.percent_reflns_obs               98.090 
_refine_ls_shell.number_reflns_R_work             682 
_refine_ls_shell.R_factor_all                     ? 
_refine_ls_shell.R_factor_R_work                  0.256 
_refine_ls_shell.R_factor_R_free                  0.276 
_refine_ls_shell.percent_reflns_R_free            ? 
_refine_ls_shell.number_reflns_R_free             37 
_refine_ls_shell.R_factor_R_free_error            ? 
_refine_ls_shell.number_reflns_all                719 
_refine_ls_shell.number_reflns_obs                ? 
_refine_ls_shell.redundancy_reflns_obs            ? 
_refine_ls_shell.pdbx_refine_id                   'X-RAY DIFFRACTION' 
# 
_struct.entry_id                  3BS3 
_struct.title                     'Crystal structure of a putative DNA-binding protein from Bacteroides fragilis' 
_struct.pdbx_model_details        ? 
_struct.pdbx_CASP_flag            ? 
_struct.pdbx_model_type_details   ? 
# 
_struct_keywords.entry_id        3BS3 
_struct_keywords.pdbx_keywords   'DNA BINDING PROTEIN' 
_struct_keywords.text            
;DNA-binding, XRE-family, Structural Genomics, PSI-2, Protein Structure Initiative, Midwest Center for Structural Genomics, MCSG, DNA BINDING PROTEIN
;
# 
loop_
_struct_asym.id 
_struct_asym.pdbx_blank_PDB_chainid_flag 
_struct_asym.pdbx_modified 
_struct_asym.entity_id 
_struct_asym.details 
A N N 1 ? 
B N N 2 ? 
C N N 3 ? 
D N N 4 ? 
# 
_struct_ref.id                         1 
_struct_ref.db_name                    UNP 
_struct_ref.db_code                    Q5LGD2_BACFN 
_struct_ref.pdbx_db_accession          Q5LGD2 
_struct_ref.entity_id                  1 
_struct_ref.pdbx_seq_one_letter_code   MSNNQQMMLNRIKVVLAEKQRTNRWLAEQMGKSENTISRWCSNKSQPSLDMLVKVAELLNVDPRQLINGKIKI 
_struct_ref.pdbx_align_begin           1 
_struct_ref.pdbx_db_isoform            ? 
# 
_struct_ref_seq.align_id                      1 
_struct_ref_seq.ref_id                        1 
_struct_ref_seq.pdbx_PDB_id_code              3BS3 
_struct_ref_seq.pdbx_strand_id                A 
_struct_ref_seq.seq_align_beg                 4 
_struct_ref_seq.pdbx_seq_align_beg_ins_code   ? 
_struct_ref_seq.seq_align_end                 76 
_struct_ref_seq.pdbx_seq_align_end_ins_code   ? 
_struct_ref_seq.pdbx_db_accession             Q5LGD2 
_struct_ref_seq.db_align_beg                  1 
_struct_ref_seq.pdbx_db_align_beg_ins_code    ? 
_struct_ref_seq.db_align_end                  73 
_struct_ref_seq.pdbx_db_align_end_ins_code    ? 
_struct_ref_seq.pdbx_auth_seq_align_beg       1 
_struct_ref_seq.pdbx_auth_seq_align_end       73 
# 
loop_
_struct_ref_seq_dif.align_id 
_struct_ref_seq_dif.pdbx_pdb_id_code 
_struct_ref_seq_dif.mon_id 
_struct_ref_seq_dif.pdbx_pdb_strand_id 
_struct_ref_seq_dif.seq_num 
_struct_ref_seq_dif.pdbx_pdb_ins_code 
_struct_ref_seq_dif.pdbx_seq_db_name 
_struct_ref_seq_dif.pdbx_seq_db_accession_code 
_struct_ref_seq_dif.db_mon_id 
_struct_ref_seq_dif.pdbx_seq_db_seq_num 
_struct_ref_seq_dif.details 
_struct_ref_seq_dif.pdbx_auth_seq_num 
_struct_ref_seq_dif.pdbx_ordinal 
1 3BS3 SER A 1 ? UNP Q5LGD2 ? ? 'expression tag' -2 1 
1 3BS3 ASN A 2 ? UNP Q5LGD2 ? ? 'expression tag' -1 2 
1 3BS3 ALA A 3 ? UNP Q5LGD2 ? ? 'expression tag' 0  3 
# 
_pdbx_struct_assembly.id                   1 
_pdbx_struct_assembly.details              software_defined_assembly 
_pdbx_struct_assembly.method_details       PISA 
_pdbx_struct_assembly.oligomeric_details   dimeric 
_pdbx_struct_assembly.oligomeric_count     2 
# 
_pdbx_struct_assembly_prop.biol_id   1 
_pdbx_struct_assembly_prop.type      'ABSA (A^2)' 
_pdbx_struct_assembly_prop.value     1120 
_pdbx_struct_assembly_prop.details   ? 
# 
_pdbx_struct_assembly_gen.assembly_id       1 
_pdbx_struct_assembly_gen.oper_expression   1,2 
_pdbx_struct_assembly_gen.asym_id_list      A,B,C,D 
# 
loop_
_pdbx_struct_oper_list.id 
_pdbx_struct_oper_list.type 
_pdbx_struct_oper_list.name 
_pdbx_struct_oper_list.symmetry_operation 
_pdbx_struct_oper_list.matrix[1][1] 
_pdbx_struct_oper_list.matrix[1][2] 
_pdbx_struct_oper_list.matrix[1][3] 
_pdbx_struct_oper_list.vector[1] 
_pdbx_struct_oper_list.matrix[2][1] 
_pdbx_struct_oper_list.matrix[2][2] 
_pdbx_struct_oper_list.matrix[2][3] 
_pdbx_struct_oper_list.vector[2] 
_pdbx_struct_oper_list.matrix[3][1] 
_pdbx_struct_oper_list.matrix[3][2] 
_pdbx_struct_oper_list.matrix[3][3] 
_pdbx_struct_oper_list.vector[3] 
1 'identity operation'         1_555 x,y,z             1.0000000000  0.0000000000  0.0000000000  0.0000000000  0.0000000000  1.0000000000 0.0000000000 0.0000000000 0.0000000000  0.0000000000 1.0000000000  0.0000000000   
2 'crystal symmetry operation' 5_674 x-y+1,-y+2,-z-1/3 -0.9696525358 -0.2444781856 -0.0020920438 17.3035294034 -0.2444781856 0.9695083179 0.0168534372 2.2578925036 -0.0020920438 0.0168534372 -0.9998557821 -12.8521316696 
# 
_struct_biol.id        1 
_struct_biol.details   'AUTHORS STATE THAT THE BIOLOGICAL UNIT OF THIS PROTEIN IS UNKNOWN.' 
# 
loop_
_struct_conf.conf_type_id 
_struct_conf.id 
_struct_conf.pdbx_PDB_helix_id 
_struct_conf.beg_label_comp_id 
_struct_conf.beg_label_asym_id 
_struct_conf.beg_label_seq_id 
_struct_conf.pdbx_beg_PDB_ins_code 
_struct_conf.end_label_comp_id 
_struct_conf.end_label_asym_id 
_struct_conf.end_label_seq_id 
_struct_conf.pdbx_end_PDB_ins_code 
_struct_conf.beg_auth_comp_id 
_struct_conf.beg_auth_asym_id 
_struct_conf.beg_auth_seq_id 
_struct_conf.end_auth_comp_id 
_struct_conf.end_auth_asym_id 
_struct_conf.end_auth_seq_id 
_struct_conf.pdbx_PDB_helix_class 
_struct_conf.details 
_struct_conf.pdbx_PDB_helix_length 
HELX_P HELX_P1 1 ARG A 14 ? LYS A 22 ? ARG A 11 LYS A 19 1 ? 9  
HELX_P HELX_P2 2 THR A 25 ? GLY A 34 ? THR A 22 GLY A 31 1 ? 10 
HELX_P HELX_P3 3 SER A 36 ? SER A 45 ? SER A 33 SER A 42 1 ? 10 
HELX_P HELX_P4 4 SER A 51 ? ASN A 63 ? SER A 48 ASN A 60 1 ? 13 
HELX_P HELX_P5 5 ASP A 65 ? GLN A 68 ? ASP A 62 GLN A 65 5 ? 4  
# 
_struct_conf_type.id          HELX_P 
_struct_conf_type.criteria    ? 
_struct_conf_type.reference   ? 
# 
loop_
_struct_conn.id 
_struct_conn.conn_type_id 
_struct_conn.pdbx_leaving_atom_flag 
_struct_conn.pdbx_PDB_id 
_struct_conn.ptnr1_label_asym_id 
_struct_conn.ptnr1_label_comp_id 
_struct_conn.ptnr1_label_seq_id 
_struct_conn.ptnr1_label_atom_id 
_struct_conn.pdbx_ptnr1_label_alt_id 
_struct_conn.pdbx_ptnr1_PDB_ins_code 
_struct_conn.pdbx_ptnr1_standard_comp_id 
_struct_conn.ptnr1_symmetry 
_struct_conn.ptnr2_label_asym_id 
_struct_conn.ptnr2_label_comp_id 
_struct_conn.ptnr2_label_seq_id 
_struct_conn.ptnr2_label_atom_id 
_struct_conn.pdbx_ptnr2_label_alt_id 
_struct_conn.pdbx_ptnr2_PDB_ins_code 
_struct_conn.ptnr1_auth_asym_id 
_struct_conn.ptnr1_auth_comp_id 
_struct_conn.ptnr1_auth_seq_id 
_struct_conn.ptnr2_auth_asym_id 
_struct_conn.ptnr2_auth_comp_id 
_struct_conn.ptnr2_auth_seq_id 
_struct_conn.ptnr2_symmetry 
_struct_conn.pdbx_ptnr3_label_atom_id 
_struct_conn.pdbx_ptnr3_label_seq_id 
_struct_conn.pdbx_ptnr3_label_comp_id 
_struct_conn.pdbx_ptnr3_label_asym_id 
_struct_conn.pdbx_ptnr3_label_alt_id 
_struct_conn.pdbx_ptnr3_PDB_ins_code 
_struct_conn.details 
_struct_conn.pdbx_dist_value 
_struct_conn.pdbx_value_order 
_struct_conn.pdbx_role 
covale1 covale both ? A MSE 10 C ? ? ? 1_555 A MSE 11 N ? ? A MSE 7  A MSE 8  1_555 ? ? ? ? ? ? ? 1.335 ? ? 
covale2 covale both ? A MSE 11 C ? ? ? 1_555 A LEU 12 N ? ? A MSE 8  A LEU 9  1_555 ? ? ? ? ? ? ? 1.330 ? ? 
covale3 covale both ? A GLN 32 C ? ? ? 1_555 A MSE 33 N ? ? A GLN 29 A MSE 30 1_555 ? ? ? ? ? ? ? 1.326 ? ? 
covale4 covale both ? A MSE 33 C ? ? ? 1_555 A GLY 34 N ? ? A MSE 30 A GLY 31 1_555 ? ? ? ? ? ? ? 1.330 ? ? 
covale5 covale both ? A ASP 53 C ? ? ? 1_555 A MSE 54 N ? ? A ASP 50 A MSE 51 1_555 ? ? ? ? ? ? ? 1.328 ? ? 
covale6 covale both ? A MSE 54 C ? ? ? 1_555 A LEU 55 N ? ? A MSE 51 A LEU 52 1_555 ? ? ? ? ? ? ? 1.332 ? ? 
# 
_struct_conn_type.id          covale 
_struct_conn_type.criteria    ? 
_struct_conn_type.reference   ? 
# 
loop_
_pdbx_modification_feature.ordinal 
_pdbx_modification_feature.label_comp_id 
_pdbx_modification_feature.label_asym_id 
_pdbx_modification_feature.label_seq_id 
_pdbx_modification_feature.label_alt_id 
_pdbx_modification_feature.modified_residue_label_comp_id 
_pdbx_modification_feature.modified_residue_label_asym_id 
_pdbx_modification_feature.modified_residue_label_seq_id 
_pdbx_modification_feature.modified_residue_label_alt_id 
_pdbx_modification_feature.auth_comp_id 
_pdbx_modification_feature.auth_asym_id 
_pdbx_modification_feature.auth_seq_id 
_pdbx_modification_feature.PDB_ins_code 
_pdbx_modification_feature.symmetry 
_pdbx_modification_feature.modified_residue_auth_comp_id 
_pdbx_modification_feature.modified_residue_auth_asym_id 
_pdbx_modification_feature.modified_residue_auth_seq_id 
_pdbx_modification_feature.modified_residue_PDB_ins_code 
_pdbx_modification_feature.modified_residue_symmetry 
_pdbx_modification_feature.comp_id_linking_atom 
_pdbx_modification_feature.modified_residue_id_linking_atom 
_pdbx_modification_feature.modified_residue_id 
_pdbx_modification_feature.ref_pcm_id 
_pdbx_modification_feature.ref_comp_id 
_pdbx_modification_feature.type 
_pdbx_modification_feature.category 
1 MSE A 10 ? . . . . MSE A 7  ? 1_555 . . . . . . . MET 1 MSE Selenomethionine 'Named protein modification' 
2 MSE A 11 ? . . . . MSE A 8  ? 1_555 . . . . . . . MET 1 MSE Selenomethionine 'Named protein modification' 
3 MSE A 33 ? . . . . MSE A 30 ? 1_555 . . . . . . . MET 1 MSE Selenomethionine 'Named protein modification' 
4 MSE A 54 ? . . . . MSE A 51 ? 1_555 . . . . . . . MET 1 MSE Selenomethionine 'Named protein modification' 
# 
_struct_sheet.id               A 
_struct_sheet.type             ? 
_struct_sheet.number_strands   2 
_struct_sheet.details          ? 
# 
_struct_sheet_order.sheet_id     A 
_struct_sheet_order.range_id_1   1 
_struct_sheet_order.range_id_2   2 
_struct_sheet_order.offset       ? 
_struct_sheet_order.sense        anti-parallel 
# 
loop_
_struct_sheet_range.sheet_id 
_struct_sheet_range.id 
_struct_sheet_range.beg_label_comp_id 
_struct_sheet_range.beg_label_asym_id 
_struct_sheet_range.beg_label_seq_id 
_struct_sheet_range.pdbx_beg_PDB_ins_code 
_struct_sheet_range.end_label_comp_id 
_struct_sheet_range.end_label_asym_id 
_struct_sheet_range.end_label_seq_id 
_struct_sheet_range.pdbx_end_PDB_ins_code 
_struct_sheet_range.beg_auth_comp_id 
_struct_sheet_range.beg_auth_asym_id 
_struct_sheet_range.beg_auth_seq_id 
_struct_sheet_range.end_auth_comp_id 
_struct_sheet_range.end_auth_asym_id 
_struct_sheet_range.end_auth_seq_id 
A 1 LEU A 12 ? ASN A 13 ? LEU A 9  ASN A 10 
A 2 ILE A 70 ? ASN A 71 ? ILE A 67 ASN A 68 
# 
_pdbx_struct_sheet_hbond.sheet_id                A 
_pdbx_struct_sheet_hbond.range_id_1              1 
_pdbx_struct_sheet_hbond.range_id_2              2 
_pdbx_struct_sheet_hbond.range_1_label_atom_id   N 
_pdbx_struct_sheet_hbond.range_1_label_comp_id   LEU 
_pdbx_struct_sheet_hbond.range_1_label_asym_id   A 
_pdbx_struct_sheet_hbond.range_1_label_seq_id    12 
_pdbx_struct_sheet_hbond.range_1_PDB_ins_code    ? 
_pdbx_struct_sheet_hbond.range_1_auth_atom_id    N 
_pdbx_struct_sheet_hbond.range_1_auth_comp_id    LEU 
_pdbx_struct_sheet_hbond.range_1_auth_asym_id    A 
_pdbx_struct_sheet_hbond.range_1_auth_seq_id     9 
_pdbx_struct_sheet_hbond.range_2_label_atom_id   O 
_pdbx_struct_sheet_hbond.range_2_label_comp_id   ASN 
_pdbx_struct_sheet_hbond.range_2_label_asym_id   A 
_pdbx_struct_sheet_hbond.range_2_label_seq_id    71 
_pdbx_struct_sheet_hbond.range_2_PDB_ins_code    ? 
_pdbx_struct_sheet_hbond.range_2_auth_atom_id    O 
_pdbx_struct_sheet_hbond.range_2_auth_comp_id    ASN 
_pdbx_struct_sheet_hbond.range_2_auth_asym_id    A 
_pdbx_struct_sheet_hbond.range_2_auth_seq_id     68 
# 
loop_
_struct_site.id 
_struct_site.pdbx_evidence_code 
_struct_site.pdbx_auth_asym_id 
_struct_site.pdbx_auth_comp_id 
_struct_site.pdbx_auth_seq_id 
_struct_site.pdbx_auth_ins_code 
_struct_site.pdbx_num_residues 
_struct_site.details 
AC1 Software A SO4 101 ? 4 'BINDING SITE FOR RESIDUE SO4 A 101' 
AC2 Software A EDO 102 ? 2 'BINDING SITE FOR RESIDUE EDO A 102' 
# 
loop_
_struct_site_gen.id 
_struct_site_gen.site_id 
_struct_site_gen.pdbx_num_res 
_struct_site_gen.label_comp_id 
_struct_site_gen.label_asym_id 
_struct_site_gen.label_seq_id 
_struct_site_gen.pdbx_auth_ins_code 
_struct_site_gen.auth_comp_id 
_struct_site_gen.auth_asym_id 
_struct_site_gen.auth_seq_id 
_struct_site_gen.label_atom_id 
_struct_site_gen.label_alt_id 
_struct_site_gen.symmetry 
_struct_site_gen.details 
1 AC1 4 LYS A 35 ? LYS A 32  . ? 1_555 ? 
2 AC1 4 SER A 36 ? SER A 33  . ? 1_555 ? 
3 AC1 4 THR A 39 ? THR A 36  . ? 1_555 ? 
4 AC1 4 HOH D .  ? HOH A 176 . ? 1_555 ? 
5 AC2 2 ARG A 27 ? ARG A 24  . ? 6_664 ? 
6 AC2 2 ARG A 67 ? ARG A 64  . ? 1_555 ? 
# 
_pdbx_entry_details.entry_id                   3BS3 
_pdbx_entry_details.compound_details           ? 
_pdbx_entry_details.source_details             ? 
_pdbx_entry_details.nonpolymer_details         ? 
_pdbx_entry_details.sequence_details           ? 
_pdbx_entry_details.has_ligand_of_interest     ? 
_pdbx_entry_details.has_protein_modification   Y 
# 
_pdbx_SG_project.id                    1 
_pdbx_SG_project.project_name          'PSI, Protein Structure Initiative' 
_pdbx_SG_project.full_name_of_center   'Midwest Center for Structural Genomics' 
_pdbx_SG_project.initial_of_center     MCSG 
# 
loop_
_pdbx_struct_mod_residue.id 
_pdbx_struct_mod_residue.label_asym_id 
_pdbx_struct_mod_residue.label_comp_id 
_pdbx_struct_mod_residue.label_seq_id 
_pdbx_struct_mod_residue.auth_asym_id 
_pdbx_struct_mod_residue.auth_comp_id 
_pdbx_struct_mod_residue.auth_seq_id 
_pdbx_struct_mod_residue.PDB_ins_code 
_pdbx_struct_mod_residue.parent_comp_id 
_pdbx_struct_mod_residue.details 
1 A MSE 10 A MSE 7  ? MET SELENOMETHIONINE 
2 A MSE 11 A MSE 8  ? MET SELENOMETHIONINE 
3 A MSE 33 A MSE 30 ? MET SELENOMETHIONINE 
4 A MSE 54 A MSE 51 ? MET SELENOMETHIONINE 
# 
_pdbx_struct_special_symmetry.id              1 
_pdbx_struct_special_symmetry.PDB_model_num   1 
_pdbx_struct_special_symmetry.auth_asym_id    A 
_pdbx_struct_special_symmetry.auth_comp_id    HOH 
_pdbx_struct_special_symmetry.auth_seq_id     137 
_pdbx_struct_special_symmetry.PDB_ins_code    ? 
_pdbx_struct_special_symmetry.label_asym_id   D 
_pdbx_struct_special_symmetry.label_comp_id   HOH 
_pdbx_struct_special_symmetry.label_seq_id    . 
# 
_diffrn_reflns.diffrn_id                   1 
_diffrn_reflns.pdbx_d_res_high             1.650 
_diffrn_reflns.pdbx_d_res_low              50.000 
_diffrn_reflns.pdbx_number_obs             9728 
_diffrn_reflns.pdbx_Rmerge_I_obs           0.094 
_diffrn_reflns.pdbx_Rsym_value             ? 
_diffrn_reflns.pdbx_chi_squared            2.07 
_diffrn_reflns.av_sigmaI_over_netI         9.20 
_diffrn_reflns.pdbx_redundancy             11.90 
_diffrn_reflns.pdbx_percent_possible_obs   98.00 
_diffrn_reflns.number                      115860 
_diffrn_reflns.pdbx_observed_criterion     ? 
_diffrn_reflns.limit_h_max                 ? 
_diffrn_reflns.limit_h_min                 ? 
_diffrn_reflns.limit_k_max                 ? 
_diffrn_reflns.limit_k_min                 ? 
_diffrn_reflns.limit_l_max                 ? 
_diffrn_reflns.limit_l_min                 ? 
# 
loop_
_pdbx_diffrn_reflns_shell.diffrn_id 
_pdbx_diffrn_reflns_shell.d_res_high 
_pdbx_diffrn_reflns_shell.d_res_low 
_pdbx_diffrn_reflns_shell.number_obs 
_pdbx_diffrn_reflns_shell.rejects 
_pdbx_diffrn_reflns_shell.Rmerge_I_obs 
_pdbx_diffrn_reflns_shell.Rsym_value 
_pdbx_diffrn_reflns_shell.chi_squared 
_pdbx_diffrn_reflns_shell.redundancy 
_pdbx_diffrn_reflns_shell.percent_possible_obs 
1 4.07 50.00 ? ? 0.078 ? 6.447 11.70 92.80  
1 3.23 4.07  ? ? 0.075 ? 4.041 12.00 96.50  
1 2.82 3.23  ? ? 0.095 ? 4.130 12.30 96.10  
1 2.56 2.82  ? ? 0.101 ? 3.009 12.20 98.00  
1 2.38 2.56  ? ? 0.098 ? 2.262 12.20 98.00  
1 2.24 2.38  ? ? 0.109 ? 2.022 12.30 98.20  
1 2.13 2.24  ? ? 0.129 ? 1.784 12.30 98.30  
1 2.03 2.13  ? ? 0.143 ? 1.387 12.30 99.10  
1 1.96 2.03  ? ? 0.171 ? 1.184 12.10 99.40  
1 1.89 1.96  ? ? 0.225 ? 0.915 12.30 98.60  
1 1.83 1.89  ? ? 0.274 ? 0.789 12.20 100.00 
1 1.78 1.83  ? ? 0.349 ? 0.830 11.90 98.80  
1 1.73 1.78  ? ? 0.396 ? 0.663 11.80 98.90  
1 1.69 1.73  ? ? 0.475 ? 0.592 11.00 99.80  
1 1.65 1.69  ? ? 0.509 ? 0.514 10.00 98.00  
# 
_pdbx_refine_tls.id               1 
_pdbx_refine_tls.details          ? 
_pdbx_refine_tls.method           refined 
_pdbx_refine_tls.origin_x         -0.2389 
_pdbx_refine_tls.origin_y         -0.2513 
_pdbx_refine_tls.origin_z         0.2006 
_pdbx_refine_tls.T[1][1]          -0.1080 
_pdbx_refine_tls.T[2][2]          -0.1077 
_pdbx_refine_tls.T[3][3]          -0.1067 
_pdbx_refine_tls.T[1][2]          0.0180 
_pdbx_refine_tls.T[1][3]          -0.0032 
_pdbx_refine_tls.T[2][3]          -0.0019 
_pdbx_refine_tls.L[1][1]          3.2477 
_pdbx_refine_tls.L[2][2]          2.8597 
_pdbx_refine_tls.L[3][3]          3.7693 
_pdbx_refine_tls.L[1][2]          0.6845 
_pdbx_refine_tls.L[1][3]          -1.8027 
_pdbx_refine_tls.L[2][3]          -0.3920 
_pdbx_refine_tls.S[1][1]          0.1156 
_pdbx_refine_tls.S[2][2]          -0.0251 
_pdbx_refine_tls.S[3][3]          -0.0905 
_pdbx_refine_tls.S[1][2]          0.1838 
_pdbx_refine_tls.S[1][3]          0.0729 
_pdbx_refine_tls.S[2][3]          0.0015 
_pdbx_refine_tls.S[2][1]          -0.0350 
_pdbx_refine_tls.S[3][1]          -0.2151 
_pdbx_refine_tls.S[3][2]          -0.0946 
_pdbx_refine_tls.pdbx_refine_id   'X-RAY DIFFRACTION' 
# 
_pdbx_refine_tls_group.id                  1 
_pdbx_refine_tls_group.refine_tls_id       1 
_pdbx_refine_tls_group.beg_auth_asym_id    A 
_pdbx_refine_tls_group.beg_auth_seq_id     7 
_pdbx_refine_tls_group.end_auth_asym_id    A 
_pdbx_refine_tls_group.end_auth_seq_id     68 
_pdbx_refine_tls_group.selection           ? 
_pdbx_refine_tls_group.beg_label_asym_id   A 
_pdbx_refine_tls_group.beg_label_seq_id    10 
_pdbx_refine_tls_group.end_label_asym_id   A 
_pdbx_refine_tls_group.end_label_seq_id    71 
_pdbx_refine_tls_group.pdbx_refine_id      'X-RAY DIFFRACTION' 
_pdbx_refine_tls_group.selection_details   ? 
# 
loop_
_pdbx_phasing_MAD_set.id 
_pdbx_phasing_MAD_set.d_res_high 
_pdbx_phasing_MAD_set.d_res_low 
_pdbx_phasing_MAD_set.reflns_acentric 
_pdbx_phasing_MAD_set.loc_acentric 
_pdbx_phasing_MAD_set.power_acentric 
_pdbx_phasing_MAD_set.R_cullis_acentric 
_pdbx_phasing_MAD_set.reflns_centric 
_pdbx_phasing_MAD_set.loc_centric 
_pdbx_phasing_MAD_set.power_centric 
_pdbx_phasing_MAD_set.R_cullis_centric 
1 1.65 50.00 8755 0.100 0.000 1.440 960 0.100 0.000 1.000 
2 1.65 50.00 8736 2.300 0.950 0.860 951 3.600 0.730 0.810 
# 
loop_
_pdbx_phasing_MAD_set_shell.id 
_pdbx_phasing_MAD_set_shell.d_res_high 
_pdbx_phasing_MAD_set_shell.d_res_low 
_pdbx_phasing_MAD_set_shell.reflns_acentric 
_pdbx_phasing_MAD_set_shell.loc_acentric 
_pdbx_phasing_MAD_set_shell.power_acentric 
_pdbx_phasing_MAD_set_shell.R_cullis_acentric 
_pdbx_phasing_MAD_set_shell.reflns_centric 
_pdbx_phasing_MAD_set_shell.loc_centric 
_pdbx_phasing_MAD_set_shell.power_centric 
_pdbx_phasing_MAD_set_shell.R_cullis_centric 
1 10.72 50.00 20   0.500 0.000 0.900 16  0.400 0.000 1.000 
1 6.01  10.72 132  0.500 0.000 1.450 44  0.400 0.000 1.000 
1 4.17  6.01  337  0.400 0.000 1.090 75  0.400 0.000 1.000 
1 3.19  4.17  647  0.300 0.000 1.010 100 0.300 0.000 1.000 
1 2.59  3.19  1027 0.200 0.000 1.320 135 0.100 0.000 1.000 
1 2.18  2.59  1566 0.100 0.000 1.600 162 0.100 0.000 1.000 
1 1.88  2.18  2171 0.100 0.000 2.160 203 0.000 0.000 1.000 
1 1.65  1.88  2855 0.000 0.000 9.910 225 0.000 0.000 1.000 
2 10.72 50.00 12   4.500 3.210 0.470 11  6.800 1.880 0.700 
2 6.01  10.72 124  5.200 1.970 0.680 42  6.700 1.340 0.710 
2 4.17  6.01  336  4.600 1.670 0.740 74  5.900 1.170 0.740 
2 3.19  4.17  647  4.300 1.250 0.820 100 5.800 0.840 0.720 
2 2.59  3.19  1027 2.900 1.210 0.820 135 3.500 0.820 0.770 
2 2.18  2.59  1566 2.100 1.040 0.820 162 3.300 0.570 0.810 
2 1.88  2.18  2171 1.900 0.640 0.920 203 2.700 0.340 0.940 
2 1.65  1.88  2853 1.700 0.410 0.990 224 2.400 0.220 1.000 
# 
loop_
_pdbx_phasing_MAD_set_site.id 
_pdbx_phasing_MAD_set_site.atom_type_symbol 
_pdbx_phasing_MAD_set_site.fract_x 
_pdbx_phasing_MAD_set_site.fract_y 
_pdbx_phasing_MAD_set_site.fract_z 
_pdbx_phasing_MAD_set_site.b_iso 
_pdbx_phasing_MAD_set_site.occupancy 
1  Se 0.810 0.175  0.038  24.83940  0.000  
2  Se 0.796 0.075  -0.083 22.10381  0.000  
3  Se 0.583 0.015  -0.059 49.32137  0.000  
4  Se 0.803 0.093  0.013  19.15700  0.000  
5  Se 0.517 -0.175 0.162  130.88120 0.000  
6  Se 0.810 0.175  0.039  25.84744  -0.132 
7  Se 0.796 0.075  -0.083 25.15341  -0.083 
8  Se 0.584 0.015  -0.059 56.66603  -0.077 
9  Se 0.803 0.092  0.011  20.08065  -0.029 
10 Se 0.519 -0.173 0.164  132.87267 -0.042 
# 
loop_
_pdbx_phasing_MAD_shell.d_res_high 
_pdbx_phasing_MAD_shell.d_res_low 
_pdbx_phasing_MAD_shell.reflns 
_pdbx_phasing_MAD_shell.fom 
_pdbx_phasing_MAD_shell.reflns_centric 
_pdbx_phasing_MAD_shell.fom_centric 
_pdbx_phasing_MAD_shell.reflns_acentric 
_pdbx_phasing_MAD_shell.fom_acentric 
10.72 50.00 36   0.597 16  0.384 20   0.767 
6.01  10.72 176  0.711 44  0.540 132  0.768 
4.17  6.01  412  0.695 75  0.525 337  0.733 
3.19  4.17  747  0.692 100 0.484 647  0.724 
2.59  3.19  1162 0.681 135 0.402 1027 0.717 
2.18  2.59  1728 0.628 162 0.376 1566 0.654 
1.88  2.18  2374 0.442 203 0.168 2171 0.468 
1.65  1.88  3080 0.234 225 0.068 2855 0.247 
# 
_pdbx_phasing_dm.entry_id   3BS3 
_pdbx_phasing_dm.method     'Solvent flattening  and Histogram matching' 
_pdbx_phasing_dm.reflns     9715 
# 
loop_
_pdbx_phasing_dm_shell.d_res_high 
_pdbx_phasing_dm_shell.d_res_low 
_pdbx_phasing_dm_shell.delta_phi_final 
_pdbx_phasing_dm_shell.delta_phi_initial 
_pdbx_phasing_dm_shell.fom_acentric 
_pdbx_phasing_dm_shell.fom_centric 
_pdbx_phasing_dm_shell.fom 
_pdbx_phasing_dm_shell.reflns_acentric 
_pdbx_phasing_dm_shell.reflns_centric 
_pdbx_phasing_dm_shell.reflns 
4.470 100.000 40.600 ? ? ? 0.879 ? ? 506 
3.540 4.470   42.300 ? ? ? 0.941 ? ? 508 
3.080 3.540   43.300 ? ? ? 0.928 ? ? 503 
2.800 3.080   45.000 ? ? ? 0.918 ? ? 508 
2.590 2.800   45.000 ? ? ? 0.925 ? ? 503 
2.440 2.590   41.400 ? ? ? 0.927 ? ? 512 
2.310 2.440   42.700 ? ? ? 0.929 ? ? 515 
2.210 2.310   44.700 ? ? ? 0.925 ? ? 504 
2.130 2.210   46.300 ? ? ? 0.920 ? ? 509 
2.050 2.130   46.600 ? ? ? 0.913 ? ? 507 
1.990 2.050   54.500 ? ? ? 0.904 ? ? 512 
1.930 1.990   56.800 ? ? ? 0.914 ? ? 506 
1.880 1.930   58.000 ? ? ? 0.901 ? ? 512 
1.830 1.880   58.400 ? ? ? 0.912 ? ? 506 
1.790 1.830   66.800 ? ? ? 0.888 ? ? 503 
1.750 1.790   64.100 ? ? ? 0.900 ? ? 516 
1.720 1.750   68.100 ? ? ? 0.894 ? ? 504 
1.690 1.720   68.400 ? ? ? 0.873 ? ? 510 
1.650 1.690   71.200 ? ? ? 0.841 ? ? 571 
# 
_phasing.method   MAD 
# 
_phasing_MAD.entry_id               3BS3 
_phasing_MAD.pdbx_d_res_high        1.65 
_phasing_MAD.pdbx_d_res_low         50.00 
_phasing_MAD.pdbx_reflns            9715 
_phasing_MAD.pdbx_fom               0.473 
_phasing_MAD.pdbx_reflns_centric    960 
_phasing_MAD.pdbx_fom_centric       0.294 
_phasing_MAD.pdbx_reflns_acentric   8755 
_phasing_MAD.pdbx_fom_acentric      0.493 
# 
loop_
_pdbx_unobs_or_zero_occ_residues.id 
_pdbx_unobs_or_zero_occ_residues.PDB_model_num 
_pdbx_unobs_or_zero_occ_residues.polymer_flag 
_pdbx_unobs_or_zero_occ_residues.occupancy_flag 
_pdbx_unobs_or_zero_occ_residues.auth_asym_id 
_pdbx_unobs_or_zero_occ_residues.auth_comp_id 
_pdbx_unobs_or_zero_occ_residues.auth_seq_id 
_pdbx_unobs_or_zero_occ_residues.PDB_ins_code 
_pdbx_unobs_or_zero_occ_residues.label_asym_id 
_pdbx_unobs_or_zero_occ_residues.label_comp_id 
_pdbx_unobs_or_zero_occ_residues.label_seq_id 
1  1 Y 1 A SER -2 ? A SER 1  
2  1 Y 1 A ASN -1 ? A ASN 2  
3  1 Y 1 A ALA 0  ? A ALA 3  
4  1 Y 1 A MSE 1  ? A MSE 4  
5  1 Y 1 A SER 2  ? A SER 5  
6  1 Y 1 A ASN 3  ? A ASN 6  
7  1 Y 1 A ASN 4  ? A ASN 7  
8  1 Y 1 A GLN 5  ? A GLN 8  
9  1 Y 1 A GLN 6  ? A GLN 9  
10 1 Y 1 A GLY 69 ? A GLY 72 
11 1 Y 1 A LYS 70 ? A LYS 73 
12 1 Y 1 A ILE 71 ? A ILE 74 
13 1 Y 1 A LYS 72 ? A LYS 75 
14 1 Y 1 A ILE 73 ? A ILE 76 
# 
loop_
_chem_comp_atom.comp_id 
_chem_comp_atom.atom_id 
_chem_comp_atom.type_symbol 
_chem_comp_atom.pdbx_aromatic_flag 
_chem_comp_atom.pdbx_stereo_config 
_chem_comp_atom.pdbx_ordinal 
ALA N    N  N N 1   
ALA CA   C  N S 2   
ALA C    C  N N 3   
ALA O    O  N N 4   
ALA CB   C  N N 5   
ALA OXT  O  N N 6   
ALA H    H  N N 7   
ALA H2   H  N N 8   
ALA HA   H  N N 9   
ALA HB1  H  N N 10  
ALA HB2  H  N N 11  
ALA HB3  H  N N 12  
ALA HXT  H  N N 13  
ARG N    N  N N 14  
ARG CA   C  N S 15  
ARG C    C  N N 16  
ARG O    O  N N 17  
ARG CB   C  N N 18  
ARG CG   C  N N 19  
ARG CD   C  N N 20  
ARG NE   N  N N 21  
ARG CZ   C  N N 22  
ARG NH1  N  N N 23  
ARG NH2  N  N N 24  
ARG OXT  O  N N 25  
ARG H    H  N N 26  
ARG H2   H  N N 27  
ARG HA   H  N N 28  
ARG HB2  H  N N 29  
ARG HB3  H  N N 30  
ARG HG2  H  N N 31  
ARG HG3  H  N N 32  
ARG HD2  H  N N 33  
ARG HD3  H  N N 34  
ARG HE   H  N N 35  
ARG HH11 H  N N 36  
ARG HH12 H  N N 37  
ARG HH21 H  N N 38  
ARG HH22 H  N N 39  
ARG HXT  H  N N 40  
ASN N    N  N N 41  
ASN CA   C  N S 42  
ASN C    C  N N 43  
ASN O    O  N N 44  
ASN CB   C  N N 45  
ASN CG   C  N N 46  
ASN OD1  O  N N 47  
ASN ND2  N  N N 48  
ASN OXT  O  N N 49  
ASN H    H  N N 50  
ASN H2   H  N N 51  
ASN HA   H  N N 52  
ASN HB2  H  N N 53  
ASN HB3  H  N N 54  
ASN HD21 H  N N 55  
ASN HD22 H  N N 56  
ASN HXT  H  N N 57  
ASP N    N  N N 58  
ASP CA   C  N S 59  
ASP C    C  N N 60  
ASP O    O  N N 61  
ASP CB   C  N N 62  
ASP CG   C  N N 63  
ASP OD1  O  N N 64  
ASP OD2  O  N N 65  
ASP OXT  O  N N 66  
ASP H    H  N N 67  
ASP H2   H  N N 68  
ASP HA   H  N N 69  
ASP HB2  H  N N 70  
ASP HB3  H  N N 71  
ASP HD2  H  N N 72  
ASP HXT  H  N N 73  
CYS N    N  N N 74  
CYS CA   C  N R 75  
CYS C    C  N N 76  
CYS O    O  N N 77  
CYS CB   C  N N 78  
CYS SG   S  N N 79  
CYS OXT  O  N N 80  
CYS H    H  N N 81  
CYS H2   H  N N 82  
CYS HA   H  N N 83  
CYS HB2  H  N N 84  
CYS HB3  H  N N 85  
CYS HG   H  N N 86  
CYS HXT  H  N N 87  
EDO C1   C  N N 88  
EDO O1   O  N N 89  
EDO C2   C  N N 90  
EDO O2   O  N N 91  
EDO H11  H  N N 92  
EDO H12  H  N N 93  
EDO HO1  H  N N 94  
EDO H21  H  N N 95  
EDO H22  H  N N 96  
EDO HO2  H  N N 97  
GLN N    N  N N 98  
GLN CA   C  N S 99  
GLN C    C  N N 100 
GLN O    O  N N 101 
GLN CB   C  N N 102 
GLN CG   C  N N 103 
GLN CD   C  N N 104 
GLN OE1  O  N N 105 
GLN NE2  N  N N 106 
GLN OXT  O  N N 107 
GLN H    H  N N 108 
GLN H2   H  N N 109 
GLN HA   H  N N 110 
GLN HB2  H  N N 111 
GLN HB3  H  N N 112 
GLN HG2  H  N N 113 
GLN HG3  H  N N 114 
GLN HE21 H  N N 115 
GLN HE22 H  N N 116 
GLN HXT  H  N N 117 
GLU N    N  N N 118 
GLU CA   C  N S 119 
GLU C    C  N N 120 
GLU O    O  N N 121 
GLU CB   C  N N 122 
GLU CG   C  N N 123 
GLU CD   C  N N 124 
GLU OE1  O  N N 125 
GLU OE2  O  N N 126 
GLU OXT  O  N N 127 
GLU H    H  N N 128 
GLU H2   H  N N 129 
GLU HA   H  N N 130 
GLU HB2  H  N N 131 
GLU HB3  H  N N 132 
GLU HG2  H  N N 133 
GLU HG3  H  N N 134 
GLU HE2  H  N N 135 
GLU HXT  H  N N 136 
GLY N    N  N N 137 
GLY CA   C  N N 138 
GLY C    C  N N 139 
GLY O    O  N N 140 
GLY OXT  O  N N 141 
GLY H    H  N N 142 
GLY H2   H  N N 143 
GLY HA2  H  N N 144 
GLY HA3  H  N N 145 
GLY HXT  H  N N 146 
HOH O    O  N N 147 
HOH H1   H  N N 148 
HOH H2   H  N N 149 
ILE N    N  N N 150 
ILE CA   C  N S 151 
ILE C    C  N N 152 
ILE O    O  N N 153 
ILE CB   C  N S 154 
ILE CG1  C  N N 155 
ILE CG2  C  N N 156 
ILE CD1  C  N N 157 
ILE OXT  O  N N 158 
ILE H    H  N N 159 
ILE H2   H  N N 160 
ILE HA   H  N N 161 
ILE HB   H  N N 162 
ILE HG12 H  N N 163 
ILE HG13 H  N N 164 
ILE HG21 H  N N 165 
ILE HG22 H  N N 166 
ILE HG23 H  N N 167 
ILE HD11 H  N N 168 
ILE HD12 H  N N 169 
ILE HD13 H  N N 170 
ILE HXT  H  N N 171 
LEU N    N  N N 172 
LEU CA   C  N S 173 
LEU C    C  N N 174 
LEU O    O  N N 175 
LEU CB   C  N N 176 
LEU CG   C  N N 177 
LEU CD1  C  N N 178 
LEU CD2  C  N N 179 
LEU OXT  O  N N 180 
LEU H    H  N N 181 
LEU H2   H  N N 182 
LEU HA   H  N N 183 
LEU HB2  H  N N 184 
LEU HB3  H  N N 185 
LEU HG   H  N N 186 
LEU HD11 H  N N 187 
LEU HD12 H  N N 188 
LEU HD13 H  N N 189 
LEU HD21 H  N N 190 
LEU HD22 H  N N 191 
LEU HD23 H  N N 192 
LEU HXT  H  N N 193 
LYS N    N  N N 194 
LYS CA   C  N S 195 
LYS C    C  N N 196 
LYS O    O  N N 197 
LYS CB   C  N N 198 
LYS CG   C  N N 199 
LYS CD   C  N N 200 
LYS CE   C  N N 201 
LYS NZ   N  N N 202 
LYS OXT  O  N N 203 
LYS H    H  N N 204 
LYS H2   H  N N 205 
LYS HA   H  N N 206 
LYS HB2  H  N N 207 
LYS HB3  H  N N 208 
LYS HG2  H  N N 209 
LYS HG3  H  N N 210 
LYS HD2  H  N N 211 
LYS HD3  H  N N 212 
LYS HE2  H  N N 213 
LYS HE3  H  N N 214 
LYS HZ1  H  N N 215 
LYS HZ2  H  N N 216 
LYS HZ3  H  N N 217 
LYS HXT  H  N N 218 
MSE N    N  N N 219 
MSE CA   C  N S 220 
MSE C    C  N N 221 
MSE O    O  N N 222 
MSE OXT  O  N N 223 
MSE CB   C  N N 224 
MSE CG   C  N N 225 
MSE SE   SE N N 226 
MSE CE   C  N N 227 
MSE H    H  N N 228 
MSE H2   H  N N 229 
MSE HA   H  N N 230 
MSE HXT  H  N N 231 
MSE HB2  H  N N 232 
MSE HB3  H  N N 233 
MSE HG2  H  N N 234 
MSE HG3  H  N N 235 
MSE HE1  H  N N 236 
MSE HE2  H  N N 237 
MSE HE3  H  N N 238 
PRO N    N  N N 239 
PRO CA   C  N S 240 
PRO C    C  N N 241 
PRO O    O  N N 242 
PRO CB   C  N N 243 
PRO CG   C  N N 244 
PRO CD   C  N N 245 
PRO OXT  O  N N 246 
PRO H    H  N N 247 
PRO HA   H  N N 248 
PRO HB2  H  N N 249 
PRO HB3  H  N N 250 
PRO HG2  H  N N 251 
PRO HG3  H  N N 252 
PRO HD2  H  N N 253 
PRO HD3  H  N N 254 
PRO HXT  H  N N 255 
SER N    N  N N 256 
SER CA   C  N S 257 
SER C    C  N N 258 
SER O    O  N N 259 
SER CB   C  N N 260 
SER OG   O  N N 261 
SER OXT  O  N N 262 
SER H    H  N N 263 
SER H2   H  N N 264 
SER HA   H  N N 265 
SER HB2  H  N N 266 
SER HB3  H  N N 267 
SER HG   H  N N 268 
SER HXT  H  N N 269 
SO4 S    S  N N 270 
SO4 O1   O  N N 271 
SO4 O2   O  N N 272 
SO4 O3   O  N N 273 
SO4 O4   O  N N 274 
THR N    N  N N 275 
THR CA   C  N S 276 
THR C    C  N N 277 
THR O    O  N N 278 
THR CB   C  N R 279 
THR OG1  O  N N 280 
THR CG2  C  N N 281 
THR OXT  O  N N 282 
THR H    H  N N 283 
THR H2   H  N N 284 
THR HA   H  N N 285 
THR HB   H  N N 286 
THR HG1  H  N N 287 
THR HG21 H  N N 288 
THR HG22 H  N N 289 
THR HG23 H  N N 290 
THR HXT  H  N N 291 
TRP N    N  N N 292 
TRP CA   C  N S 293 
TRP C    C  N N 294 
TRP O    O  N N 295 
TRP CB   C  N N 296 
TRP CG   C  Y N 297 
TRP CD1  C  Y N 298 
TRP CD2  C  Y N 299 
TRP NE1  N  Y N 300 
TRP CE2  C  Y N 301 
TRP CE3  C  Y N 302 
TRP CZ2  C  Y N 303 
TRP CZ3  C  Y N 304 
TRP CH2  C  Y N 305 
TRP OXT  O  N N 306 
TRP H    H  N N 307 
TRP H2   H  N N 308 
TRP HA   H  N N 309 
TRP HB2  H  N N 310 
TRP HB3  H  N N 311 
TRP HD1  H  N N 312 
TRP HE1  H  N N 313 
TRP HE3  H  N N 314 
TRP HZ2  H  N N 315 
TRP HZ3  H  N N 316 
TRP HH2  H  N N 317 
TRP HXT  H  N N 318 
VAL N    N  N N 319 
VAL CA   C  N S 320 
VAL C    C  N N 321 
VAL O    O  N N 322 
VAL CB   C  N N 323 
VAL CG1  C  N N 324 
VAL CG2  C  N N 325 
VAL OXT  O  N N 326 
VAL H    H  N N 327 
VAL H2   H  N N 328 
VAL HA   H  N N 329 
VAL HB   H  N N 330 
VAL HG11 H  N N 331 
VAL HG12 H  N N 332 
VAL HG13 H  N N 333 
VAL HG21 H  N N 334 
VAL HG22 H  N N 335 
VAL HG23 H  N N 336 
VAL HXT  H  N N 337 
# 
loop_
_chem_comp_bond.comp_id 
_chem_comp_bond.atom_id_1 
_chem_comp_bond.atom_id_2 
_chem_comp_bond.value_order 
_chem_comp_bond.pdbx_aromatic_flag 
_chem_comp_bond.pdbx_stereo_config 
_chem_comp_bond.pdbx_ordinal 
ALA N   CA   sing N N 1   
ALA N   H    sing N N 2   
ALA N   H2   sing N N 3   
ALA CA  C    sing N N 4   
ALA CA  CB   sing N N 5   
ALA CA  HA   sing N N 6   
ALA C   O    doub N N 7   
ALA C   OXT  sing N N 8   
ALA CB  HB1  sing N N 9   
ALA CB  HB2  sing N N 10  
ALA CB  HB3  sing N N 11  
ALA OXT HXT  sing N N 12  
ARG N   CA   sing N N 13  
ARG N   H    sing N N 14  
ARG N   H2   sing N N 15  
ARG CA  C    sing N N 16  
ARG CA  CB   sing N N 17  
ARG CA  HA   sing N N 18  
ARG C   O    doub N N 19  
ARG C   OXT  sing N N 20  
ARG CB  CG   sing N N 21  
ARG CB  HB2  sing N N 22  
ARG CB  HB3  sing N N 23  
ARG CG  CD   sing N N 24  
ARG CG  HG2  sing N N 25  
ARG CG  HG3  sing N N 26  
ARG CD  NE   sing N N 27  
ARG CD  HD2  sing N N 28  
ARG CD  HD3  sing N N 29  
ARG NE  CZ   sing N N 30  
ARG NE  HE   sing N N 31  
ARG CZ  NH1  sing N N 32  
ARG CZ  NH2  doub N N 33  
ARG NH1 HH11 sing N N 34  
ARG NH1 HH12 sing N N 35  
ARG NH2 HH21 sing N N 36  
ARG NH2 HH22 sing N N 37  
ARG OXT HXT  sing N N 38  
ASN N   CA   sing N N 39  
ASN N   H    sing N N 40  
ASN N   H2   sing N N 41  
ASN CA  C    sing N N 42  
ASN CA  CB   sing N N 43  
ASN CA  HA   sing N N 44  
ASN C   O    doub N N 45  
ASN C   OXT  sing N N 46  
ASN CB  CG   sing N N 47  
ASN CB  HB2  sing N N 48  
ASN CB  HB3  sing N N 49  
ASN CG  OD1  doub N N 50  
ASN CG  ND2  sing N N 51  
ASN ND2 HD21 sing N N 52  
ASN ND2 HD22 sing N N 53  
ASN OXT HXT  sing N N 54  
ASP N   CA   sing N N 55  
ASP N   H    sing N N 56  
ASP N   H2   sing N N 57  
ASP CA  C    sing N N 58  
ASP CA  CB   sing N N 59  
ASP CA  HA   sing N N 60  
ASP C   O    doub N N 61  
ASP C   OXT  sing N N 62  
ASP CB  CG   sing N N 63  
ASP CB  HB2  sing N N 64  
ASP CB  HB3  sing N N 65  
ASP CG  OD1  doub N N 66  
ASP CG  OD2  sing N N 67  
ASP OD2 HD2  sing N N 68  
ASP OXT HXT  sing N N 69  
CYS N   CA   sing N N 70  
CYS N   H    sing N N 71  
CYS N   H2   sing N N 72  
CYS CA  C    sing N N 73  
CYS CA  CB   sing N N 74  
CYS CA  HA   sing N N 75  
CYS C   O    doub N N 76  
CYS C   OXT  sing N N 77  
CYS CB  SG   sing N N 78  
CYS CB  HB2  sing N N 79  
CYS CB  HB3  sing N N 80  
CYS SG  HG   sing N N 81  
CYS OXT HXT  sing N N 82  
EDO C1  O1   sing N N 83  
EDO C1  C2   sing N N 84  
EDO C1  H11  sing N N 85  
EDO C1  H12  sing N N 86  
EDO O1  HO1  sing N N 87  
EDO C2  O2   sing N N 88  
EDO C2  H21  sing N N 89  
EDO C2  H22  sing N N 90  
EDO O2  HO2  sing N N 91  
GLN N   CA   sing N N 92  
GLN N   H    sing N N 93  
GLN N   H2   sing N N 94  
GLN CA  C    sing N N 95  
GLN CA  CB   sing N N 96  
GLN CA  HA   sing N N 97  
GLN C   O    doub N N 98  
GLN C   OXT  sing N N 99  
GLN CB  CG   sing N N 100 
GLN CB  HB2  sing N N 101 
GLN CB  HB3  sing N N 102 
GLN CG  CD   sing N N 103 
GLN CG  HG2  sing N N 104 
GLN CG  HG3  sing N N 105 
GLN CD  OE1  doub N N 106 
GLN CD  NE2  sing N N 107 
GLN NE2 HE21 sing N N 108 
GLN NE2 HE22 sing N N 109 
GLN OXT HXT  sing N N 110 
GLU N   CA   sing N N 111 
GLU N   H    sing N N 112 
GLU N   H2   sing N N 113 
GLU CA  C    sing N N 114 
GLU CA  CB   sing N N 115 
GLU CA  HA   sing N N 116 
GLU C   O    doub N N 117 
GLU C   OXT  sing N N 118 
GLU CB  CG   sing N N 119 
GLU CB  HB2  sing N N 120 
GLU CB  HB3  sing N N 121 
GLU CG  CD   sing N N 122 
GLU CG  HG2  sing N N 123 
GLU CG  HG3  sing N N 124 
GLU CD  OE1  doub N N 125 
GLU CD  OE2  sing N N 126 
GLU OE2 HE2  sing N N 127 
GLU OXT HXT  sing N N 128 
GLY N   CA   sing N N 129 
GLY N   H    sing N N 130 
GLY N   H2   sing N N 131 
GLY CA  C    sing N N 132 
GLY CA  HA2  sing N N 133 
GLY CA  HA3  sing N N 134 
GLY C   O    doub N N 135 
GLY C   OXT  sing N N 136 
GLY OXT HXT  sing N N 137 
HOH O   H1   sing N N 138 
HOH O   H2   sing N N 139 
ILE N   CA   sing N N 140 
ILE N   H    sing N N 141 
ILE N   H2   sing N N 142 
ILE CA  C    sing N N 143 
ILE CA  CB   sing N N 144 
ILE CA  HA   sing N N 145 
ILE C   O    doub N N 146 
ILE C   OXT  sing N N 147 
ILE CB  CG1  sing N N 148 
ILE CB  CG2  sing N N 149 
ILE CB  HB   sing N N 150 
ILE CG1 CD1  sing N N 151 
ILE CG1 HG12 sing N N 152 
ILE CG1 HG13 sing N N 153 
ILE CG2 HG21 sing N N 154 
ILE CG2 HG22 sing N N 155 
ILE CG2 HG23 sing N N 156 
ILE CD1 HD11 sing N N 157 
ILE CD1 HD12 sing N N 158 
ILE CD1 HD13 sing N N 159 
ILE OXT HXT  sing N N 160 
LEU N   CA   sing N N 161 
LEU N   H    sing N N 162 
LEU N   H2   sing N N 163 
LEU CA  C    sing N N 164 
LEU CA  CB   sing N N 165 
LEU CA  HA   sing N N 166 
LEU C   O    doub N N 167 
LEU C   OXT  sing N N 168 
LEU CB  CG   sing N N 169 
LEU CB  HB2  sing N N 170 
LEU CB  HB3  sing N N 171 
LEU CG  CD1  sing N N 172 
LEU CG  CD2  sing N N 173 
LEU CG  HG   sing N N 174 
LEU CD1 HD11 sing N N 175 
LEU CD1 HD12 sing N N 176 
LEU CD1 HD13 sing N N 177 
LEU CD2 HD21 sing N N 178 
LEU CD2 HD22 sing N N 179 
LEU CD2 HD23 sing N N 180 
LEU OXT HXT  sing N N 181 
LYS N   CA   sing N N 182 
LYS N   H    sing N N 183 
LYS N   H2   sing N N 184 
LYS CA  C    sing N N 185 
LYS CA  CB   sing N N 186 
LYS CA  HA   sing N N 187 
LYS C   O    doub N N 188 
LYS C   OXT  sing N N 189 
LYS CB  CG   sing N N 190 
LYS CB  HB2  sing N N 191 
LYS CB  HB3  sing N N 192 
LYS CG  CD   sing N N 193 
LYS CG  HG2  sing N N 194 
LYS CG  HG3  sing N N 195 
LYS CD  CE   sing N N 196 
LYS CD  HD2  sing N N 197 
LYS CD  HD3  sing N N 198 
LYS CE  NZ   sing N N 199 
LYS CE  HE2  sing N N 200 
LYS CE  HE3  sing N N 201 
LYS NZ  HZ1  sing N N 202 
LYS NZ  HZ2  sing N N 203 
LYS NZ  HZ3  sing N N 204 
LYS OXT HXT  sing N N 205 
MSE N   CA   sing N N 206 
MSE N   H    sing N N 207 
MSE N   H2   sing N N 208 
MSE CA  C    sing N N 209 
MSE CA  CB   sing N N 210 
MSE CA  HA   sing N N 211 
MSE C   O    doub N N 212 
MSE C   OXT  sing N N 213 
MSE OXT HXT  sing N N 214 
MSE CB  CG   sing N N 215 
MSE CB  HB2  sing N N 216 
MSE CB  HB3  sing N N 217 
MSE CG  SE   sing N N 218 
MSE CG  HG2  sing N N 219 
MSE CG  HG3  sing N N 220 
MSE SE  CE   sing N N 221 
MSE CE  HE1  sing N N 222 
MSE CE  HE2  sing N N 223 
MSE CE  HE3  sing N N 224 
PRO N   CA   sing N N 225 
PRO N   CD   sing N N 226 
PRO N   H    sing N N 227 
PRO CA  C    sing N N 228 
PRO CA  CB   sing N N 229 
PRO CA  HA   sing N N 230 
PRO C   O    doub N N 231 
PRO C   OXT  sing N N 232 
PRO CB  CG   sing N N 233 
PRO CB  HB2  sing N N 234 
PRO CB  HB3  sing N N 235 
PRO CG  CD   sing N N 236 
PRO CG  HG2  sing N N 237 
PRO CG  HG3  sing N N 238 
PRO CD  HD2  sing N N 239 
PRO CD  HD3  sing N N 240 
PRO OXT HXT  sing N N 241 
SER N   CA   sing N N 242 
SER N   H    sing N N 243 
SER N   H2   sing N N 244 
SER CA  C    sing N N 245 
SER CA  CB   sing N N 246 
SER CA  HA   sing N N 247 
SER C   O    doub N N 248 
SER C   OXT  sing N N 249 
SER CB  OG   sing N N 250 
SER CB  HB2  sing N N 251 
SER CB  HB3  sing N N 252 
SER OG  HG   sing N N 253 
SER OXT HXT  sing N N 254 
SO4 S   O1   doub N N 255 
SO4 S   O2   doub N N 256 
SO4 S   O3   sing N N 257 
SO4 S   O4   sing N N 258 
THR N   CA   sing N N 259 
THR N   H    sing N N 260 
THR N   H2   sing N N 261 
THR CA  C    sing N N 262 
THR CA  CB   sing N N 263 
THR CA  HA   sing N N 264 
THR C   O    doub N N 265 
THR C   OXT  sing N N 266 
THR CB  OG1  sing N N 267 
THR CB  CG2  sing N N 268 
THR CB  HB   sing N N 269 
THR OG1 HG1  sing N N 270 
THR CG2 HG21 sing N N 271 
THR CG2 HG22 sing N N 272 
THR CG2 HG23 sing N N 273 
THR OXT HXT  sing N N 274 
TRP N   CA   sing N N 275 
TRP N   H    sing N N 276 
TRP N   H2   sing N N 277 
TRP CA  C    sing N N 278 
TRP CA  CB   sing N N 279 
TRP CA  HA   sing N N 280 
TRP C   O    doub N N 281 
TRP C   OXT  sing N N 282 
TRP CB  CG   sing N N 283 
TRP CB  HB2  sing N N 284 
TRP CB  HB3  sing N N 285 
TRP CG  CD1  doub Y N 286 
TRP CG  CD2  sing Y N 287 
TRP CD1 NE1  sing Y N 288 
TRP CD1 HD1  sing N N 289 
TRP CD2 CE2  doub Y N 290 
TRP CD2 CE3  sing Y N 291 
TRP NE1 CE2  sing Y N 292 
TRP NE1 HE1  sing N N 293 
TRP CE2 CZ2  sing Y N 294 
TRP CE3 CZ3  doub Y N 295 
TRP CE3 HE3  sing N N 296 
TRP CZ2 CH2  doub Y N 297 
TRP CZ2 HZ2  sing N N 298 
TRP CZ3 CH2  sing Y N 299 
TRP CZ3 HZ3  sing N N 300 
TRP CH2 HH2  sing N N 301 
TRP OXT HXT  sing N N 302 
VAL N   CA   sing N N 303 
VAL N   H    sing N N 304 
VAL N   H2   sing N N 305 
VAL CA  C    sing N N 306 
VAL CA  CB   sing N N 307 
VAL CA  HA   sing N N 308 
VAL C   O    doub N N 309 
VAL C   OXT  sing N N 310 
VAL CB  CG1  sing N N 311 
VAL CB  CG2  sing N N 312 
VAL CB  HB   sing N N 313 
VAL CG1 HG11 sing N N 314 
VAL CG1 HG12 sing N N 315 
VAL CG1 HG13 sing N N 316 
VAL CG2 HG21 sing N N 317 
VAL CG2 HG22 sing N N 318 
VAL CG2 HG23 sing N N 319 
VAL OXT HXT  sing N N 320 
# 
_atom_sites.entry_id                    3BS3 
_atom_sites.fract_transf_matrix[1][1]   0.00597464 
_atom_sites.fract_transf_matrix[1][2]   0.01668888 
_atom_sites.fract_transf_matrix[1][3]   -0.00426369 
_atom_sites.fract_transf_matrix[2][1]   0.01583823 
_atom_sites.fract_transf_matrix[2][2]   0.00204129 
_atom_sites.fract_transf_matrix[2][3]   -0.00879505 
_atom_sites.fract_transf_matrix[3][1]   -0.01382107 
_atom_sites.fract_transf_matrix[3][2]   -0.00149967 
_atom_sites.fract_transf_matrix[3][3]   -0.02523723 
_atom_sites.fract_transf_vector[1]      0.566206 
_atom_sites.fract_transf_vector[2]      0.804146 
_atom_sites.fract_transf_vector[3]      -0.207570 
# 
loop_
_atom_type.symbol 
C  
N  
O  
S  
SE 
# 
loop_
_atom_site.group_PDB 
_atom_site.id 
_atom_site.type_symbol 
_atom_site.label_atom_id 
_atom_site.label_alt_id 
_atom_site.label_comp_id 
_atom_site.label_asym_id 
_atom_site.label_entity_id 
_atom_site.label_seq_id 
_atom_site.pdbx_PDB_ins_code 
_atom_site.Cartn_x 
_atom_site.Cartn_y 
_atom_site.Cartn_z 
_atom_site.occupancy 
_atom_site.B_iso_or_equiv 
_atom_site.pdbx_formal_charge 
_atom_site.auth_seq_id 
_atom_site.auth_comp_id 
_atom_site.auth_asym_id 
_atom_site.auth_atom_id 
_atom_site.pdbx_PDB_model_num 
HETATM 1   N  N   . MSE A 1 10 ? 5.368   -5.796  -17.246 1.00 46.37 ? 7   MSE A N   1 
HETATM 2   C  CA  . MSE A 1 10 ? 4.507   -4.984  -16.340 1.00 47.03 ? 7   MSE A CA  1 
HETATM 3   C  C   . MSE A 1 10 ? 4.671   -5.412  -14.880 1.00 45.20 ? 7   MSE A C   1 
HETATM 4   O  O   . MSE A 1 10 ? 4.948   -6.581  -14.588 1.00 45.12 ? 7   MSE A O   1 
HETATM 5   C  CB  . MSE A 1 10 ? 3.035   -5.046  -16.774 1.00 46.74 ? 7   MSE A CB  1 
HETATM 6   C  CG  . MSE A 1 10 ? 2.050   -4.535  -15.726 1.00 48.90 ? 7   MSE A CG  1 
HETATM 7   SE SE  . MSE A 1 10 ? 0.615   -3.406  -16.424 0.50 51.88 ? 7   MSE A SE  1 
HETATM 8   C  CE  . MSE A 1 10 ? 1.682   -1.944  -17.179 1.00 50.83 ? 7   MSE A CE  1 
HETATM 9   N  N   . MSE A 1 11 ? 4.507   -4.440  -13.980 1.00 43.54 ? 8   MSE A N   1 
HETATM 10  C  CA  . MSE A 1 11 ? 4.598   -4.666  -12.542 1.00 42.33 ? 8   MSE A CA  1 
HETATM 11  C  C   . MSE A 1 11 ? 3.592   -3.778  -11.818 1.00 39.06 ? 8   MSE A C   1 
HETATM 12  O  O   . MSE A 1 11 ? 3.553   -2.545  -11.990 1.00 38.85 ? 8   MSE A O   1 
HETATM 13  C  CB  . MSE A 1 11 ? 6.038   -4.438  -12.055 1.00 42.34 ? 8   MSE A CB  1 
HETATM 14  C  CG  . MSE A 1 11 ? 6.256   -4.435  -10.542 1.00 43.65 ? 8   MSE A CG  1 
HETATM 15  SE SE  . MSE A 1 11 ? 8.182   -4.524  -10.189 0.70 49.16 ? 8   MSE A SE  1 
HETATM 16  C  CE  . MSE A 1 11 ? 8.733   -2.946  -11.177 1.00 49.74 ? 8   MSE A CE  1 
ATOM   17  N  N   . LEU A 1 12 ? 2.750   -4.416  -11.008 1.00 34.38 ? 9   LEU A N   1 
ATOM   18  C  CA  . LEU A 1 12 ? 1.752   -3.679  -10.278 1.00 30.50 ? 9   LEU A CA  1 
ATOM   19  C  C   . LEU A 1 12 ? 1.923   -3.959  -8.802  1.00 28.06 ? 9   LEU A C   1 
ATOM   20  O  O   . LEU A 1 12 ? 2.855   -4.659  -8.394  1.00 26.50 ? 9   LEU A O   1 
ATOM   21  C  CB  . LEU A 1 12 ? 0.347   -4.059  -10.764 1.00 30.87 ? 9   LEU A CB  1 
ATOM   22  C  CG  . LEU A 1 12 ? -0.038  -3.864  -12.235 1.00 34.01 ? 9   LEU A CG  1 
ATOM   23  C  CD1 . LEU A 1 12 ? -1.335  -4.591  -12.493 1.00 33.01 ? 9   LEU A CD1 1 
ATOM   24  C  CD2 . LEU A 1 12 ? -0.166  -2.369  -12.625 1.00 34.82 ? 9   LEU A CD2 1 
ATOM   25  N  N   . ASN A 1 13 ? 1.044   -3.377  -7.991  1.00 25.75 ? 10  ASN A N   1 
ATOM   26  C  CA  . ASN A 1 13 ? 1.086   -3.655  -6.579  1.00 24.83 ? 10  ASN A CA  1 
ATOM   27  C  C   . ASN A 1 13 ? -0.156  -4.413  -6.117  1.00 25.09 ? 10  ASN A C   1 
ATOM   28  O  O   . ASN A 1 13 ? -1.166  -4.415  -6.802  1.00 25.43 ? 10  ASN A O   1 
ATOM   29  C  CB  . ASN A 1 13 ? 1.295   -2.359  -5.783  1.00 24.89 ? 10  ASN A CB  1 
ATOM   30  C  CG  . ASN A 1 13 ? 0.025   -1.525  -5.673  1.00 24.55 ? 10  ASN A CG  1 
ATOM   31  O  OD1 . ASN A 1 13 ? -0.899  -1.889  -4.939  1.00 24.27 ? 10  ASN A OD1 1 
ATOM   32  N  ND2 . ASN A 1 13 ? -0.009  -0.385  -6.375  1.00 25.01 ? 10  ASN A ND2 1 
ATOM   33  N  N   . ARG A 1 14 ? -0.042  -5.020  -4.945  1.00 24.45 ? 11  ARG A N   1 
ATOM   34  C  CA  . ARG A 1 14 ? -1.129  -5.812  -4.348  1.00 25.59 ? 11  ARG A CA  1 
ATOM   35  C  C   . ARG A 1 14 ? -1.680  -5.165  -3.099  1.00 26.45 ? 11  ARG A C   1 
ATOM   36  O  O   . ARG A 1 14 ? -2.287  -5.841  -2.253  1.00 26.05 ? 11  ARG A O   1 
ATOM   37  C  CB  . ARG A 1 14 ? -0.627  -7.232  -4.014  1.00 25.09 ? 11  ARG A CB  1 
ATOM   38  C  CG  . ARG A 1 14 ? -0.065  -7.979  -5.175  1.00 26.48 ? 11  ARG A CG  1 
ATOM   39  C  CD  . ARG A 1 14 ? 0.271   -9.413  -4.801  1.00 24.90 ? 11  ARG A CD  1 
ATOM   40  N  NE  . ARG A 1 14 ? -0.930  -10.186 -4.448  1.00 23.57 ? 11  ARG A NE  1 
ATOM   41  C  CZ  . ARG A 1 14 ? -1.208  -10.631 -3.217  1.00 24.36 ? 11  ARG A CZ  1 
ATOM   42  N  NH1 . ARG A 1 14 ? -0.404  -10.355 -2.193  1.00 25.25 ? 11  ARG A NH1 1 
ATOM   43  N  NH2 . ARG A 1 14 ? -2.309  -11.349 -3.000  1.00 24.09 ? 11  ARG A NH2 1 
ATOM   44  N  N   . ILE A 1 15 ? -1.481  -3.852  -2.954  1.00 25.20 ? 12  ILE A N   1 
ATOM   45  C  CA  . ILE A 1 15 ? -1.873  -3.203  -1.706  1.00 26.05 ? 12  ILE A CA  1 
ATOM   46  C  C   . ILE A 1 15 ? -3.363  -3.366  -1.418  1.00 25.68 ? 12  ILE A C   1 
ATOM   47  O  O   . ILE A 1 15 ? -3.761  -3.585  -0.279  1.00 26.43 ? 12  ILE A O   1 
ATOM   48  C  CB  . ILE A 1 15 ? -1.432  -1.703  -1.682  1.00 25.29 ? 12  ILE A CB  1 
ATOM   49  C  CG1 . ILE A 1 15 ? 0.102   -1.660  -1.670  1.00 25.98 ? 12  ILE A CG1 1 
ATOM   50  C  CG2 . ILE A 1 15 ? -2.010  -1.003  -0.461  1.00 27.55 ? 12  ILE A CG2 1 
ATOM   51  C  CD1 . ILE A 1 15 ? 0.651   -0.253  -1.982  1.00 26.28 ? 12  ILE A CD1 1 
ATOM   52  N  N   . LYS A 1 16 ? -4.216  -3.292  -2.439  1.00 25.20 ? 13  LYS A N   1 
ATOM   53  C  CA  A LYS A 1 16 ? -5.651  -3.398  -2.177  0.50 25.61 ? 13  LYS A CA  1 
ATOM   54  C  CA  B LYS A 1 16 ? -5.666  -3.422  -2.223  0.50 25.57 ? 13  LYS A CA  1 
ATOM   55  C  C   . LYS A 1 16 ? -6.005  -4.767  -1.583  1.00 25.39 ? 13  LYS A C   1 
ATOM   56  O  O   . LYS A 1 16 ? -6.794  -4.849  -0.637  1.00 24.57 ? 13  LYS A O   1 
ATOM   57  C  CB  A LYS A 1 16 ? -6.438  -3.152  -3.459  0.50 25.85 ? 13  LYS A CB  1 
ATOM   58  C  CB  B LYS A 1 16 ? -6.403  -3.310  -3.559  0.50 25.52 ? 13  LYS A CB  1 
ATOM   59  C  CG  A LYS A 1 16 ? -7.952  -2.975  -3.243  0.50 26.49 ? 13  LYS A CG  1 
ATOM   60  C  CG  B LYS A 1 16 ? -7.924  -3.519  -3.457  0.50 26.21 ? 13  LYS A CG  1 
ATOM   61  C  CD  A LYS A 1 16 ? -8.661  -2.853  -4.587  0.50 30.14 ? 13  LYS A CD  1 
ATOM   62  C  CD  B LYS A 1 16 ? -8.553  -3.629  -4.836  0.50 28.54 ? 13  LYS A CD  1 
ATOM   63  C  CE  A LYS A 1 16 ? -8.584  -4.167  -5.370  0.50 31.40 ? 13  LYS A CE  1 
ATOM   64  C  CE  B LYS A 1 16 ? -10.087 -3.538  -4.760  0.50 30.01 ? 13  LYS A CE  1 
ATOM   65  N  NZ  A LYS A 1 16 ? -9.601  -5.199  -4.939  0.50 33.62 ? 13  LYS A NZ  1 
ATOM   66  N  NZ  B LYS A 1 16 ? -10.598 -2.142  -4.936  0.50 31.97 ? 13  LYS A NZ  1 
ATOM   67  N  N   . VAL A 1 17 ? -5.413  -5.830  -2.130  1.00 25.62 ? 14  VAL A N   1 
ATOM   68  C  CA  . VAL A 1 17 ? -5.738  -7.182  -1.665  1.00 26.32 ? 14  VAL A CA  1 
ATOM   69  C  C   . VAL A 1 17 ? -5.220  -7.362  -0.243  1.00 27.02 ? 14  VAL A C   1 
ATOM   70  O  O   . VAL A 1 17 ? -5.934  -7.875  0.635   1.00 26.54 ? 14  VAL A O   1 
ATOM   71  C  CB  . VAL A 1 17 ? -5.142  -8.260  -2.592  1.00 26.94 ? 14  VAL A CB  1 
ATOM   72  C  CG1 . VAL A 1 17 ? -5.311  -9.656  -1.973  1.00 27.01 ? 14  VAL A CG1 1 
ATOM   73  C  CG2 . VAL A 1 17 ? -5.846  -8.181  -3.953  1.00 27.11 ? 14  VAL A CG2 1 
ATOM   74  N  N   . VAL A 1 18 ? -3.985  -6.945  -0.016  1.00 26.77 ? 15  VAL A N   1 
ATOM   75  C  CA  . VAL A 1 18 ? -3.379  -7.136  1.311   1.00 27.06 ? 15  VAL A CA  1 
ATOM   76  C  C   . VAL A 1 18 ? -4.098  -6.296  2.382   1.00 27.33 ? 15  VAL A C   1 
ATOM   77  O  O   . VAL A 1 18 ? -4.297  -6.773  3.500   1.00 27.45 ? 15  VAL A O   1 
ATOM   78  C  CB  . VAL A 1 18 ? -1.860  -6.954  1.304   1.00 27.26 ? 15  VAL A CB  1 
ATOM   79  C  CG1 . VAL A 1 18 ? -1.301  -7.117  2.741   1.00 28.88 ? 15  VAL A CG1 1 
ATOM   80  C  CG2 . VAL A 1 18 ? -1.209  -7.966  0.333   1.00 28.00 ? 15  VAL A CG2 1 
ATOM   81  N  N   . LEU A 1 19 ? -4.463  -5.050  2.057   1.00 26.29 ? 16  LEU A N   1 
ATOM   82  C  CA  . LEU A 1 19 ? -5.293  -4.262  2.979   1.00 27.15 ? 16  LEU A CA  1 
ATOM   83  C  C   . LEU A 1 19 ? -6.538  -5.030  3.423   1.00 27.76 ? 16  LEU A C   1 
ATOM   84  O  O   . LEU A 1 19 ? -6.902  -5.060  4.604   1.00 28.91 ? 16  LEU A O   1 
ATOM   85  C  CB  . LEU A 1 19 ? -5.723  -2.938  2.346   1.00 26.95 ? 16  LEU A CB  1 
ATOM   86  C  CG  . LEU A 1 19 ? -4.655  -1.836  2.414   1.00 28.90 ? 16  LEU A CG  1 
ATOM   87  C  CD1 . LEU A 1 19 ? -5.085  -0.648  1.571   1.00 28.75 ? 16  LEU A CD1 1 
ATOM   88  C  CD2 . LEU A 1 19 ? -4.406  -1.359  3.859   1.00 28.45 ? 16  LEU A CD2 1 
ATOM   89  N  N   . ALA A 1 20 ? -7.218  -5.626  2.463   1.00 26.75 ? 17  ALA A N   1 
ATOM   90  C  CA  . ALA A 1 20 ? -8.459  -6.366  2.758   1.00 26.83 ? 17  ALA A CA  1 
ATOM   91  C  C   . ALA A 1 20 ? -8.174  -7.599  3.627   1.00 26.94 ? 17  ALA A C   1 
ATOM   92  O  O   . ALA A 1 20 ? -8.910  -7.876  4.595   1.00 27.23 ? 17  ALA A O   1 
ATOM   93  C  CB  . ALA A 1 20 ? -9.135  -6.759  1.468   1.00 26.95 ? 17  ALA A CB  1 
ATOM   94  N  N   . GLU A 1 21 ? -7.110  -8.319  3.287   1.00 26.17 ? 18  GLU A N   1 
ATOM   95  C  CA  . GLU A 1 21 ? -6.731  -9.515  4.025   1.00 26.67 ? 18  GLU A CA  1 
ATOM   96  C  C   . GLU A 1 21 ? -6.354  -9.173  5.470   1.00 27.28 ? 18  GLU A C   1 
ATOM   97  O  O   . GLU A 1 21 ? -6.645  -9.968  6.387   1.00 28.54 ? 18  GLU A O   1 
ATOM   98  C  CB  . GLU A 1 21 ? -5.580  -10.215 3.307   1.00 27.43 ? 18  GLU A CB  1 
ATOM   99  C  CG  . GLU A 1 21 ? -6.067  -10.905 2.047   1.00 25.28 ? 18  GLU A CG  1 
ATOM   100 C  CD  . GLU A 1 21 ? -4.957  -11.598 1.274   1.00 27.16 ? 18  GLU A CD  1 
ATOM   101 O  OE1 . GLU A 1 21 ? -3.766  -11.336 1.545   1.00 29.49 ? 18  GLU A OE1 1 
ATOM   102 O  OE2 . GLU A 1 21 ? -5.294  -12.375 0.369   1.00 27.76 ? 18  GLU A OE2 1 
ATOM   103 N  N   . LYS A 1 22 ? -5.706  -8.029  5.651   1.00 27.60 ? 19  LYS A N   1 
ATOM   104 C  CA  . LYS A 1 22 ? -5.278  -7.590  6.970   1.00 27.78 ? 19  LYS A CA  1 
ATOM   105 C  C   . LYS A 1 22 ? -6.357  -6.755  7.695   1.00 28.68 ? 19  LYS A C   1 
ATOM   106 O  O   . LYS A 1 22 ? -6.102  -6.200  8.759   1.00 28.60 ? 19  LYS A O   1 
ATOM   107 C  CB  . LYS A 1 22 ? -3.938  -6.824  6.903   1.00 27.30 ? 19  LYS A CB  1 
ATOM   108 C  CG  . LYS A 1 22 ? -2.763  -7.717  6.461   1.00 28.83 ? 19  LYS A CG  1 
ATOM   109 C  CD  . LYS A 1 22 ? -2.662  -8.969  7.376   1.00 31.45 ? 19  LYS A CD  1 
ATOM   110 C  CE  . LYS A 1 22 ? -1.286  -9.643  7.328   1.00 34.20 ? 19  LYS A CE  1 
ATOM   111 N  NZ  . LYS A 1 22 ? -1.031  -10.547 8.547   1.00 34.97 ? 19  LYS A NZ  1 
ATOM   112 N  N   . GLN A 1 23 ? -7.537  -6.628  7.104   1.00 28.51 ? 20  GLN A N   1 
ATOM   113 C  CA  . GLN A 1 23 ? -8.645  -5.900  7.753   1.00 29.93 ? 20  GLN A CA  1 
ATOM   114 C  C   . GLN A 1 23 ? -8.232  -4.459  8.138   1.00 29.20 ? 20  GLN A C   1 
ATOM   115 O  O   . GLN A 1 23 ? -8.348  -4.036  9.293   1.00 28.88 ? 20  GLN A O   1 
ATOM   116 C  CB  . GLN A 1 23 ? -9.216  -6.743  8.925   1.00 29.74 ? 20  GLN A CB  1 
ATOM   117 C  CG  . GLN A 1 23 ? -9.838  -8.067  8.381   1.00 32.66 ? 20  GLN A CG  1 
ATOM   118 C  CD  . GLN A 1 23 ? -10.548 -8.972  9.388   1.00 33.82 ? 20  GLN A CD  1 
ATOM   119 O  OE1 . GLN A 1 23 ? -11.115 -8.523  10.390  1.00 39.45 ? 20  GLN A OE1 1 
ATOM   120 N  NE2 . GLN A 1 23 ? -10.554 -10.273 9.093   1.00 36.36 ? 20  GLN A NE2 1 
ATOM   121 N  N   . ARG A 1 24 ? -7.731  -3.732  7.129   1.00 28.47 ? 21  ARG A N   1 
ATOM   122 C  CA  . ARG A 1 24 ? -7.312  -2.326  7.284   1.00 28.87 ? 21  ARG A CA  1 
ATOM   123 C  C   . ARG A 1 24 ? -7.924  -1.531  6.147   1.00 29.41 ? 21  ARG A C   1 
ATOM   124 O  O   . ARG A 1 24 ? -8.237  -2.113  5.092   1.00 30.22 ? 21  ARG A O   1 
ATOM   125 C  CB  . ARG A 1 24 ? -5.780  -2.183  7.201   1.00 28.92 ? 21  ARG A CB  1 
ATOM   126 C  CG  . ARG A 1 24 ? -5.010  -2.827  8.340   1.00 28.68 ? 21  ARG A CG  1 
ATOM   127 C  CD  . ARG A 1 24 ? -5.242  -2.156  9.700   1.00 28.01 ? 21  ARG A CD  1 
ATOM   128 N  NE  . ARG A 1 24 ? -4.113  -2.510  10.564  1.00 26.43 ? 21  ARG A NE  1 
ATOM   129 C  CZ  . ARG A 1 24 ? -3.957  -2.108  11.826  1.00 27.18 ? 21  ARG A CZ  1 
ATOM   130 N  NH1 . ARG A 1 24 ? -4.867  -1.343  12.436  1.00 27.03 ? 21  ARG A NH1 1 
ATOM   131 N  NH2 . ARG A 1 24 ? -2.856  -2.466  12.472  1.00 27.99 ? 21  ARG A NH2 1 
ATOM   132 N  N   . THR A 1 25 ? -8.084  -0.227  6.354   1.00 28.53 ? 22  THR A N   1 
ATOM   133 C  CA  . THR A 1 25 ? -8.698  0.636   5.340   1.00 28.84 ? 22  THR A CA  1 
ATOM   134 C  C   . THR A 1 25 ? -7.670  1.555   4.687   1.00 28.20 ? 22  THR A C   1 
ATOM   135 O  O   . THR A 1 25 ? -6.582  1.798   5.239   1.00 28.56 ? 22  THR A O   1 
ATOM   136 C  CB  . THR A 1 25 ? -9.778  1.575   5.940   1.00 28.68 ? 22  THR A CB  1 
ATOM   137 O  OG1 . THR A 1 25 ? -9.190  2.395   6.967   1.00 30.77 ? 22  THR A OG1 1 
ATOM   138 C  CG2 . THR A 1 25 ? -10.961 0.781   6.486   1.00 30.55 ? 22  THR A CG2 1 
ATOM   139 N  N   . ASN A 1 26 ? -8.044  2.104   3.533   1.00 28.09 ? 23  ASN A N   1 
ATOM   140 C  CA  . ASN A 1 26 ? -7.235  3.129   2.885   1.00 28.83 ? 23  ASN A CA  1 
ATOM   141 C  C   . ASN A 1 26 ? -6.957  4.303   3.830   1.00 28.79 ? 23  ASN A C   1 
ATOM   142 O  O   . ASN A 1 26 ? -5.818  4.771   3.912   1.00 28.05 ? 23  ASN A O   1 
ATOM   143 C  CB  . ASN A 1 26 ? -7.944  3.663   1.637   1.00 30.21 ? 23  ASN A CB  1 
ATOM   144 C  CG  . ASN A 1 26 ? -7.922  2.682   0.462   1.00 33.52 ? 23  ASN A CG  1 
ATOM   145 O  OD1 . ASN A 1 26 ? -7.351  1.590   0.526   1.00 38.19 ? 23  ASN A OD1 1 
ATOM   146 N  ND2 . ASN A 1 26 ? -8.556  3.084   -0.633  1.00 33.14 ? 23  ASN A ND2 1 
ATOM   147 N  N   . ARG A 1 27 ? -7.988  4.752   4.565   1.00 28.26 ? 24  ARG A N   1 
ATOM   148 C  CA  A ARG A 1 27 ? -7.852  5.879   5.493   0.50 28.51 ? 24  ARG A CA  1 
ATOM   149 C  CA  B ARG A 1 27 ? -7.833  5.887   5.473   0.50 28.42 ? 24  ARG A CA  1 
ATOM   150 C  C   . ARG A 1 27 ? -6.785  5.601   6.545   1.00 28.17 ? 24  ARG A C   1 
ATOM   151 O  O   . ARG A 1 27 ? -5.941  6.448   6.827   1.00 28.11 ? 24  ARG A O   1 
ATOM   152 C  CB  A ARG A 1 27 ? -9.183  6.186   6.193   0.50 28.74 ? 24  ARG A CB  1 
ATOM   153 C  CB  B ARG A 1 27 ? -9.171  6.269   6.114   0.50 28.53 ? 24  ARG A CB  1 
ATOM   154 C  CG  A ARG A 1 27 ? -9.079  7.324   7.207   0.50 30.67 ? 24  ARG A CG  1 
ATOM   155 C  CG  B ARG A 1 27 ? -9.131  7.592   6.874   0.50 30.24 ? 24  ARG A CG  1 
ATOM   156 C  CD  A ARG A 1 27 ? -9.708  6.946   8.534   0.50 34.95 ? 24  ARG A CD  1 
ATOM   157 C  CD  B ARG A 1 27 ? -10.478 7.885   7.502   0.50 31.83 ? 24  ARG A CD  1 
ATOM   158 N  NE  A ARG A 1 27 ? -11.118 7.321   8.620   0.50 36.67 ? 24  ARG A NE  1 
ATOM   159 N  NE  B ARG A 1 27 ? -10.451 9.068   8.356   0.50 35.43 ? 24  ARG A NE  1 
ATOM   160 C  CZ  A ARG A 1 27 ? -11.957 6.896   9.564   0.50 37.12 ? 24  ARG A CZ  1 
ATOM   161 C  CZ  B ARG A 1 27 ? -11.359 9.342   9.292   0.50 35.92 ? 24  ARG A CZ  1 
ATOM   162 N  NH1 A ARG A 1 27 ? -13.218 7.300   9.555   0.50 36.54 ? 24  ARG A NH1 1 
ATOM   163 N  NH1 B ARG A 1 27 ? -11.248 10.446  10.013  0.50 37.03 ? 24  ARG A NH1 1 
ATOM   164 N  NH2 A ARG A 1 27 ? -11.545 6.059   10.508  0.50 37.26 ? 24  ARG A NH2 1 
ATOM   165 N  NH2 B ARG A 1 27 ? -12.370 8.510   9.523   0.50 36.44 ? 24  ARG A NH2 1 
ATOM   166 N  N   . TRP A 1 28 ? -6.830  4.397   7.119   1.00 27.53 ? 25  TRP A N   1 
ATOM   167 C  CA  . TRP A 1 28 ? -5.872  4.024   8.139   1.00 27.48 ? 25  TRP A CA  1 
ATOM   168 C  C   . TRP A 1 28 ? -4.454  4.076   7.574   1.00 27.72 ? 25  TRP A C   1 
ATOM   169 O  O   . TRP A 1 28 ? -3.540  4.645   8.181   1.00 26.78 ? 25  TRP A O   1 
ATOM   170 C  CB  . TRP A 1 28 ? -6.202  2.626   8.679   1.00 29.17 ? 25  TRP A CB  1 
ATOM   171 C  CG  . TRP A 1 28 ? -5.207  2.181   9.707   1.00 28.96 ? 25  TRP A CG  1 
ATOM   172 C  CD1 . TRP A 1 28 ? -5.216  2.489   11.045  1.00 33.43 ? 25  TRP A CD1 1 
ATOM   173 C  CD2 . TRP A 1 28 ? -4.026  1.415   9.478   1.00 30.27 ? 25  TRP A CD2 1 
ATOM   174 N  NE1 . TRP A 1 28 ? -4.122  1.938   11.661  1.00 33.29 ? 25  TRP A NE1 1 
ATOM   175 C  CE2 . TRP A 1 28 ? -3.379  1.266   10.733  1.00 29.37 ? 25  TRP A CE2 1 
ATOM   176 C  CE3 . TRP A 1 28 ? -3.465  0.809   8.344   1.00 31.91 ? 25  TRP A CE3 1 
ATOM   177 C  CZ2 . TRP A 1 28 ? -2.193  0.549   10.885  1.00 32.49 ? 25  TRP A CZ2 1 
ATOM   178 C  CZ3 . TRP A 1 28 ? -2.266  0.082   8.497   1.00 34.21 ? 25  TRP A CZ3 1 
ATOM   179 C  CH2 . TRP A 1 28 ? -1.650  -0.028  9.761   1.00 31.16 ? 25  TRP A CH2 1 
ATOM   180 N  N   . LEU A 1 29 ? -4.283  3.507   6.388   1.00 26.36 ? 26  LEU A N   1 
ATOM   181 C  CA  . LEU A 1 29 ? -2.942  3.434   5.807   1.00 27.18 ? 26  LEU A CA  1 
ATOM   182 C  C   . LEU A 1 29 ? -2.413  4.840   5.509   1.00 27.21 ? 26  LEU A C   1 
ATOM   183 O  O   . LEU A 1 29 ? -1.267  5.157   5.807   1.00 27.49 ? 26  LEU A O   1 
ATOM   184 C  CB  . LEU A 1 29 ? -2.943  2.560   4.552   1.00 27.02 ? 26  LEU A CB  1 
ATOM   185 C  CG  . LEU A 1 29 ? -1.565  2.398   3.893   1.00 28.55 ? 26  LEU A CG  1 
ATOM   186 C  CD1 . LEU A 1 29 ? -0.543  1.764   4.858   1.00 28.65 ? 26  LEU A CD1 1 
ATOM   187 C  CD2 . LEU A 1 29 ? -1.682  1.583   2.581   1.00 28.20 ? 26  LEU A CD2 1 
ATOM   188 N  N   . ALA A 1 30 ? -3.267  5.678   4.933   1.00 26.80 ? 27  ALA A N   1 
ATOM   189 C  CA  . ALA A 1 30 ? -2.905  7.060   4.621   1.00 27.63 ? 27  ALA A CA  1 
ATOM   190 C  C   . ALA A 1 30 ? -2.480  7.783   5.885   1.00 28.21 ? 27  ALA A C   1 
ATOM   191 O  O   . ALA A 1 30 ? -1.453  8.460   5.882   1.00 28.32 ? 27  ALA A O   1 
ATOM   192 C  CB  . ALA A 1 30 ? -4.070  7.784   3.945   1.00 28.07 ? 27  ALA A CB  1 
ATOM   193 N  N   . GLU A 1 31 ? -3.256  7.632   6.965   1.00 28.02 ? 28  GLU A N   1 
ATOM   194 C  CA  . GLU A 1 31 ? -2.926  8.282   8.237   1.00 30.66 ? 28  GLU A CA  1 
ATOM   195 C  C   . GLU A 1 31 ? -1.574  7.809   8.781   1.00 30.41 ? 28  GLU A C   1 
ATOM   196 O  O   . GLU A 1 31 ? -0.755  8.623   9.212   1.00 31.10 ? 28  GLU A O   1 
ATOM   197 C  CB  . GLU A 1 31 ? -4.063  8.107   9.263   1.00 30.42 ? 28  GLU A CB  1 
ATOM   198 C  CG  . GLU A 1 31 ? -5.279  8.976   8.910   1.00 32.98 ? 28  GLU A CG  1 
ATOM   199 C  CD  . GLU A 1 31 ? -6.517  8.789   9.802   1.00 34.23 ? 28  GLU A CD  1 
ATOM   200 O  OE1 . GLU A 1 31 ? -6.583  7.838   10.613  1.00 40.63 ? 28  GLU A OE1 1 
ATOM   201 O  OE2 . GLU A 1 31 ? -7.447  9.605   9.644   1.00 39.15 ? 28  GLU A OE2 1 
ATOM   202 N  N   . GLN A 1 32 ? -1.334  6.499   8.737   1.00 30.67 ? 29  GLN A N   1 
ATOM   203 C  CA  . GLN A 1 32 ? -0.052  5.954   9.200   1.00 31.92 ? 29  GLN A CA  1 
ATOM   204 C  C   . GLN A 1 32 ? 1.142   6.436   8.381   1.00 32.72 ? 29  GLN A C   1 
ATOM   205 O  O   . GLN A 1 32 ? 2.247   6.579   8.905   1.00 33.85 ? 29  GLN A O   1 
ATOM   206 C  CB  . GLN A 1 32 ? -0.088  4.427   9.205   1.00 31.65 ? 29  GLN A CB  1 
ATOM   207 C  CG  . GLN A 1 32 ? -1.051  3.881   10.217  1.00 33.64 ? 29  GLN A CG  1 
ATOM   208 C  CD  . GLN A 1 32 ? -0.631  4.229   11.632  1.00 37.66 ? 29  GLN A CD  1 
ATOM   209 O  OE1 . GLN A 1 32 ? 0.505   3.954   12.041  1.00 42.53 ? 29  GLN A OE1 1 
ATOM   210 N  NE2 . GLN A 1 32 ? -1.524  4.840   12.372  1.00 38.22 ? 29  GLN A NE2 1 
HETATM 211 N  N   . MSE A 1 33 ? 0.916   6.711   7.104   1.00 32.43 ? 30  MSE A N   1 
HETATM 212 C  CA  A MSE A 1 33 ? 1.976   7.070   6.154   0.50 32.78 ? 30  MSE A CA  1 
HETATM 213 C  CA  B MSE A 1 33 ? 2.031   7.109   6.264   0.50 34.15 ? 30  MSE A CA  1 
HETATM 214 C  C   . MSE A 1 33 ? 2.196   8.583   6.028   1.00 33.43 ? 30  MSE A C   1 
HETATM 215 O  O   . MSE A 1 33 ? 3.175   9.011   5.396   1.00 34.70 ? 30  MSE A O   1 
HETATM 216 C  CB  A MSE A 1 33 ? 1.661   6.488   4.768   0.50 31.93 ? 30  MSE A CB  1 
HETATM 217 C  CB  B MSE A 1 33 ? 1.912   6.416   4.959   0.50 33.45 ? 30  MSE A CB  1 
HETATM 218 C  CG  A MSE A 1 33 ? 1.652   4.959   4.691   0.30 31.39 ? 30  MSE A CG  1 
HETATM 219 C  CG  B MSE A 1 33 ? 2.164   4.993   5.147   0.50 34.91 ? 30  MSE A CG  1 
HETATM 220 SE SE  A MSE A 1 33 ? 3.418   4.099   4.593   0.40 29.52 ? 30  MSE A SE  1 
HETATM 221 SE SE  B MSE A 1 33 ? 1.922   4.384   3.426   0.40 37.69 ? 30  MSE A SE  1 
HETATM 222 C  CE  A MSE A 1 33 ? 3.890   4.601   2.758   0.50 28.11 ? 30  MSE A CE  1 
HETATM 223 C  CE  B MSE A 1 33 ? 3.664   4.856   2.662   0.50 35.29 ? 30  MSE A CE  1 
ATOM   224 N  N   . GLY A 1 34 ? 1.269   9.366   6.573   1.00 33.56 ? 31  GLY A N   1 
ATOM   225 C  CA  . GLY A 1 34 ? 1.282   10.824  6.402   1.00 33.83 ? 31  GLY A CA  1 
ATOM   226 C  C   . GLY A 1 34 ? 1.035   11.212  4.956   1.00 33.98 ? 31  GLY A C   1 
ATOM   227 O  O   . GLY A 1 34 ? 1.594   12.204  4.465   1.00 34.66 ? 31  GLY A O   1 
ATOM   228 N  N   . LYS A 1 35 ? 0.199   10.434  4.274   1.00 33.02 ? 32  LYS A N   1 
ATOM   229 C  CA  . LYS A 1 35 ? -0.154  10.697  2.882   1.00 32.83 ? 32  LYS A CA  1 
ATOM   230 C  C   . LYS A 1 35 ? -1.655  10.921  2.752   1.00 32.16 ? 32  LYS A C   1 
ATOM   231 O  O   . LYS A 1 35 ? -2.417  10.574  3.674   1.00 31.79 ? 32  LYS A O   1 
ATOM   232 C  CB  . LYS A 1 35 ? 0.303   9.549   1.992   1.00 33.91 ? 32  LYS A CB  1 
ATOM   233 C  CG  . LYS A 1 35 ? 1.810   9.340   2.046   1.00 36.49 ? 32  LYS A CG  1 
ATOM   234 C  CD  . LYS A 1 35 ? 2.338   8.697   0.814   1.00 38.47 ? 32  LYS A CD  1 
ATOM   235 C  CE  . LYS A 1 35 ? 3.840   8.598   0.897   1.00 40.27 ? 32  LYS A CE  1 
ATOM   236 N  NZ  . LYS A 1 35 ? 4.513   9.888   0.618   1.00 38.71 ? 32  LYS A NZ  1 
ATOM   237 N  N   . SER A 1 36 ? -2.086  11.491  1.625   1.00 31.34 ? 33  SER A N   1 
ATOM   238 C  CA  . SER A 1 36 ? -3.513  11.741  1.413   1.00 31.25 ? 33  SER A CA  1 
ATOM   239 C  C   . SER A 1 36 ? -4.212  10.409  1.146   1.00 30.92 ? 33  SER A C   1 
ATOM   240 O  O   . SER A 1 36 ? -3.587  9.456   0.665   1.00 30.16 ? 33  SER A O   1 
ATOM   241 C  CB  . SER A 1 36 ? -3.746  12.712  0.249   1.00 31.04 ? 33  SER A CB  1 
ATOM   242 O  OG  . SER A 1 36 ? -3.397  12.097  -0.976  1.00 31.83 ? 33  SER A OG  1 
ATOM   243 N  N   . GLU A 1 37 ? -5.497  10.323  1.485   1.00 30.68 ? 34  GLU A N   1 
ATOM   244 C  CA  A GLU A 1 37 ? -6.247  9.113   1.179   0.50 30.43 ? 34  GLU A CA  1 
ATOM   245 C  CA  B GLU A 1 37 ? -6.283  9.132   1.177   0.50 30.75 ? 34  GLU A CA  1 
ATOM   246 C  C   . GLU A 1 37 ? -6.336  8.904   -0.334  1.00 30.08 ? 34  GLU A C   1 
ATOM   247 O  O   . GLU A 1 37 ? -6.332  7.753   -0.797  1.00 30.44 ? 34  GLU A O   1 
ATOM   248 C  CB  A GLU A 1 37 ? -7.639  9.119   1.814   0.50 30.80 ? 34  GLU A CB  1 
ATOM   249 C  CB  B GLU A 1 37 ? -7.694  9.254   1.750   0.50 31.26 ? 34  GLU A CB  1 
ATOM   250 C  CG  A GLU A 1 37 ? -8.303  7.753   1.769   0.50 30.54 ? 34  GLU A CG  1 
ATOM   251 C  CG  B GLU A 1 37 ? -7.725  9.422   3.258   0.50 32.60 ? 34  GLU A CG  1 
ATOM   252 C  CD  A GLU A 1 37 ? -9.660  7.710   2.435   0.50 31.24 ? 34  GLU A CD  1 
ATOM   253 C  CD  B GLU A 1 37 ? -9.131  9.527   3.797   0.50 34.32 ? 34  GLU A CD  1 
ATOM   254 O  OE1 A GLU A 1 37 ? -10.056 8.705   3.080   0.50 33.36 ? 34  GLU A OE1 1 
ATOM   255 O  OE1 B GLU A 1 37 ? -9.803  8.482   3.859   0.50 36.39 ? 34  GLU A OE1 1 
ATOM   256 O  OE2 A GLU A 1 37 ? -10.338 6.670   2.299   0.50 31.83 ? 34  GLU A OE2 1 
ATOM   257 O  OE2 B GLU A 1 37 ? -9.558  10.650  4.152   0.50 35.05 ? 34  GLU A OE2 1 
ATOM   258 N  N   . ASN A 1 38 ? -6.378  10.000  -1.087  1.00 29.70 ? 35  ASN A N   1 
ATOM   259 C  CA  . ASN A 1 38 ? -6.373  9.930   -2.554  1.00 28.88 ? 35  ASN A CA  1 
ATOM   260 C  C   . ASN A 1 38 ? -5.134  9.186   -3.078  1.00 28.45 ? 35  ASN A C   1 
ATOM   261 O  O   . ASN A 1 38 ? -5.239  8.322   -3.955  1.00 27.59 ? 35  ASN A O   1 
ATOM   262 C  CB  . ASN A 1 38 ? -6.416  11.317  -3.186  1.00 29.15 ? 35  ASN A CB  1 
ATOM   263 C  CG  . ASN A 1 38 ? -6.543  11.263  -4.711  1.00 29.95 ? 35  ASN A CG  1 
ATOM   264 O  OD1 . ASN A 1 38 ? -7.475  10.658  -5.237  1.00 32.65 ? 35  ASN A OD1 1 
ATOM   265 N  ND2 . ASN A 1 38 ? -5.610  11.893  -5.416  1.00 30.45 ? 35  ASN A ND2 1 
ATOM   266 N  N   . THR A 1 39 ? -3.968  9.557   -2.559  1.00 27.87 ? 36  THR A N   1 
ATOM   267 C  CA  . THR A 1 39 ? -2.717  8.875   -2.939  1.00 27.99 ? 36  THR A CA  1 
ATOM   268 C  C   . THR A 1 39 ? -2.815  7.364   -2.716  1.00 27.55 ? 36  THR A C   1 
ATOM   269 O  O   . THR A 1 39 ? -2.502  6.592   -3.619  1.00 27.48 ? 36  THR A O   1 
ATOM   270 C  CB  . THR A 1 39 ? -1.487  9.476   -2.226  1.00 28.34 ? 36  THR A CB  1 
ATOM   271 O  OG1 . THR A 1 39 ? -1.304  10.835  -2.631  1.00 28.54 ? 36  THR A OG1 1 
ATOM   272 C  CG2 . THR A 1 39 ? -0.218  8.724   -2.605  1.00 28.48 ? 36  THR A CG2 1 
ATOM   273 N  N   . ILE A 1 40 ? -3.255  6.943   -1.528  1.00 27.19 ? 37  ILE A N   1 
ATOM   274 C  CA  . ILE A 1 40 ? -3.383  5.510   -1.221  1.00 27.71 ? 37  ILE A CA  1 
ATOM   275 C  C   . ILE A 1 40 ? -4.400  4.853   -2.135  1.00 26.77 ? 37  ILE A C   1 
ATOM   276 O  O   . ILE A 1 40 ? -4.173  3.759   -2.646  1.00 27.13 ? 37  ILE A O   1 
ATOM   277 C  CB  . ILE A 1 40 ? -3.824  5.306   0.256   1.00 28.41 ? 37  ILE A CB  1 
ATOM   278 C  CG1 . ILE A 1 40 ? -2.772  5.882   1.203   1.00 32.15 ? 37  ILE A CG1 1 
ATOM   279 C  CG2 . ILE A 1 40 ? -4.127  3.840   0.563   1.00 28.46 ? 37  ILE A CG2 1 
ATOM   280 C  CD1 . ILE A 1 40 ? -1.390  5.413   0.970   1.00 34.70 ? 37  ILE A CD1 1 
ATOM   281 N  N   . SER A 1 41 ? -5.523  5.536   -2.363  1.00 26.30 ? 38  SER A N   1 
ATOM   282 C  CA  A SER A 1 41 ? -6.569  4.972   -3.212  0.50 26.45 ? 38  SER A CA  1 
ATOM   283 C  CA  B SER A 1 41 ? -6.570  4.994   -3.217  0.50 26.30 ? 38  SER A CA  1 
ATOM   284 C  C   . SER A 1 41 ? -6.039  4.732   -4.626  1.00 26.27 ? 38  SER A C   1 
ATOM   285 O  O   . SER A 1 41 ? -6.373  3.721   -5.248  1.00 26.97 ? 38  SER A O   1 
ATOM   286 C  CB  A SER A 1 41 ? -7.828  5.857   -3.239  0.50 26.86 ? 38  SER A CB  1 
ATOM   287 C  CB  B SER A 1 41 ? -7.758  5.952   -3.277  0.50 26.63 ? 38  SER A CB  1 
ATOM   288 O  OG  A SER A 1 41 ? -7.648  7.015   -4.036  0.50 27.66 ? 38  SER A OG  1 
ATOM   289 O  OG  B SER A 1 41 ? -8.746  5.449   -4.147  0.50 26.53 ? 38  SER A OG  1 
ATOM   290 N  N   . ARG A 1 42 ? -5.212  5.653   -5.118  1.00 24.83 ? 39  ARG A N   1 
ATOM   291 C  CA  . ARG A 1 42 ? -4.623  5.521   -6.454  1.00 24.47 ? 39  ARG A CA  1 
ATOM   292 C  C   . ARG A 1 42 ? -3.603  4.375   -6.510  1.00 24.81 ? 39  ARG A C   1 
ATOM   293 O  O   . ARG A 1 42 ? -3.501  3.681   -7.524  1.00 25.90 ? 39  ARG A O   1 
ATOM   294 C  CB  . ARG A 1 42 ? -4.007  6.831   -6.909  1.00 23.90 ? 39  ARG A CB  1 
ATOM   295 C  CG  . ARG A 1 42 ? -5.088  7.867   -7.311  1.00 24.84 ? 39  ARG A CG  1 
ATOM   296 C  CD  . ARG A 1 42 ? -4.476  9.192   -7.659  1.00 26.97 ? 39  ARG A CD  1 
ATOM   297 N  NE  . ARG A 1 42 ? -3.599  9.105   -8.827  1.00 31.11 ? 39  ARG A NE  1 
ATOM   298 C  CZ  . ARG A 1 42 ? -4.009  9.109   -10.097 1.00 33.14 ? 39  ARG A CZ  1 
ATOM   299 N  NH1 . ARG A 1 42 ? -5.295  9.190   -10.408 1.00 34.22 ? 39  ARG A NH1 1 
ATOM   300 N  NH2 . ARG A 1 42 ? -3.114  9.030   -11.072 1.00 35.41 ? 39  ARG A NH2 1 
ATOM   301 N  N   . TRP A 1 43 ? -2.859  4.174   -5.437  1.00 24.57 ? 40  TRP A N   1 
ATOM   302 C  CA  . TRP A 1 43 ? -2.025  2.971   -5.364  1.00 24.12 ? 40  TRP A CA  1 
ATOM   303 C  C   . TRP A 1 43 ? -2.923  1.729   -5.387  1.00 24.85 ? 40  TRP A C   1 
ATOM   304 O  O   . TRP A 1 43 ? -2.635  0.754   -6.100  1.00 26.04 ? 40  TRP A O   1 
ATOM   305 C  CB  . TRP A 1 43 ? -1.193  2.929   -4.079  1.00 24.69 ? 40  TRP A CB  1 
ATOM   306 C  CG  . TRP A 1 43 ? -0.177  4.007   -3.959  1.00 24.07 ? 40  TRP A CG  1 
ATOM   307 C  CD1 . TRP A 1 43 ? 0.191   4.901   -4.923  1.00 26.01 ? 40  TRP A CD1 1 
ATOM   308 C  CD2 . TRP A 1 43 ? 0.613   4.298   -2.813  1.00 25.73 ? 40  TRP A CD2 1 
ATOM   309 N  NE1 . TRP A 1 43 ? 1.164   5.749   -4.442  1.00 27.41 ? 40  TRP A NE1 1 
ATOM   310 C  CE2 . TRP A 1 43 ? 1.439   5.397   -3.146  1.00 25.36 ? 40  TRP A CE2 1 
ATOM   311 C  CE3 . TRP A 1 43 ? 0.705   3.733   -1.529  1.00 27.74 ? 40  TRP A CE3 1 
ATOM   312 C  CZ2 . TRP A 1 43 ? 2.349   5.962   -2.237  1.00 26.51 ? 40  TRP A CZ2 1 
ATOM   313 C  CZ3 . TRP A 1 43 ? 1.622   4.292   -0.617  1.00 27.32 ? 40  TRP A CZ3 1 
ATOM   314 C  CH2 . TRP A 1 43 ? 2.421   5.401   -0.985  1.00 26.17 ? 40  TRP A CH2 1 
ATOM   315 N  N   . CYS A 1 44 ? -4.019  1.762   -4.618  1.00 25.45 ? 41  CYS A N   1 
ATOM   316 C  CA  . CYS A 1 44 ? -4.872  0.558   -4.492  1.00 26.34 ? 41  CYS A CA  1 
ATOM   317 C  C   . CYS A 1 44 ? -5.461  0.163   -5.841  1.00 25.74 ? 41  CYS A C   1 
ATOM   318 O  O   . CYS A 1 44 ? -5.562  -1.034  -6.175  1.00 25.57 ? 41  CYS A O   1 
ATOM   319 C  CB  . CYS A 1 44 ? -5.988  0.768   -3.476  1.00 27.60 ? 41  CYS A CB  1 
ATOM   320 S  SG  . CYS A 1 44 ? -5.313  0.585   -1.865  1.00 33.50 ? 41  CYS A SG  1 
ATOM   321 N  N   . SER A 1 45 ? -5.873  1.168   -6.619  1.00 25.72 ? 42  SER A N   1 
ATOM   322 C  CA  . SER A 1 45 ? -6.448  0.923   -7.930  1.00 25.72 ? 42  SER A CA  1 
ATOM   323 C  C   . SER A 1 45 ? -5.379  0.733   -9.011  1.00 25.90 ? 42  SER A C   1 
ATOM   324 O  O   . SER A 1 45 ? -5.696  0.536   -10.180 1.00 25.30 ? 42  SER A O   1 
ATOM   325 C  CB  . SER A 1 45 ? -7.362  2.085   -8.309  1.00 26.68 ? 42  SER A CB  1 
ATOM   326 O  OG  . SER A 1 45 ? -6.591  3.256   -8.494  1.00 27.73 ? 42  SER A OG  1 
ATOM   327 N  N   . ASN A 1 46 ? -4.109  0.808   -8.610  1.00 25.20 ? 43  ASN A N   1 
ATOM   328 C  CA  . ASN A 1 46 ? -2.980  0.720   -9.554  1.00 25.36 ? 43  ASN A CA  1 
ATOM   329 C  C   . ASN A 1 46 ? -2.977  1.809   -10.635 1.00 25.10 ? 43  ASN A C   1 
ATOM   330 O  O   . ASN A 1 46 ? -2.471  1.599   -11.763 1.00 26.27 ? 43  ASN A O   1 
ATOM   331 C  CB  . ASN A 1 46 ? -2.857  -0.689  -10.172 1.00 25.20 ? 43  ASN A CB  1 
ATOM   332 C  CG  . ASN A 1 46 ? -2.122  -1.644  -9.254  1.00 27.10 ? 43  ASN A CG  1 
ATOM   333 O  OD1 . ASN A 1 46 ? -0.904  -1.556  -9.098  1.00 26.09 ? 43  ASN A OD1 1 
ATOM   334 N  ND2 . ASN A 1 46 ? -2.862  -2.556  -8.635  1.00 26.69 ? 43  ASN A ND2 1 
ATOM   335 N  N   . LYS A 1 47 ? -3.579  2.961   -10.305 1.00 24.48 ? 44  LYS A N   1 
ATOM   336 C  CA  A LYS A 1 47 ? -3.526  4.158   -11.149 0.50 25.15 ? 44  LYS A CA  1 
ATOM   337 C  CA  B LYS A 1 47 ? -3.505  4.131   -11.178 0.50 25.37 ? 44  LYS A CA  1 
ATOM   338 C  C   . LYS A 1 47 ? -2.202  4.901   -10.994 1.00 25.05 ? 44  LYS A C   1 
ATOM   339 O  O   . LYS A 1 47 ? -1.773  5.614   -11.906 1.00 25.64 ? 44  LYS A O   1 
ATOM   340 C  CB  A LYS A 1 47 ? -4.680  5.113   -10.826 0.50 24.97 ? 44  LYS A CB  1 
ATOM   341 C  CB  B LYS A 1 47 ? -4.715  5.056   -10.984 0.50 25.36 ? 44  LYS A CB  1 
ATOM   342 C  CG  A LYS A 1 47 ? -6.056  4.544   -11.091 0.50 25.33 ? 44  LYS A CG  1 
ATOM   343 C  CG  B LYS A 1 47 ? -5.820  4.869   -12.017 0.50 26.83 ? 44  LYS A CG  1 
ATOM   344 C  CD  A LYS A 1 47 ? -7.117  5.629   -11.028 0.50 25.45 ? 44  LYS A CD  1 
ATOM   345 C  CD  B LYS A 1 47 ? -6.538  3.526   -11.867 0.50 28.80 ? 44  LYS A CD  1 
ATOM   346 C  CE  A LYS A 1 47 ? -8.502  5.026   -10.844 0.50 26.08 ? 44  LYS A CE  1 
ATOM   347 C  CE  B LYS A 1 47 ? -7.850  3.490   -12.666 0.50 29.07 ? 44  LYS A CE  1 
ATOM   348 N  NZ  A LYS A 1 47 ? -9.562  6.035   -11.128 0.50 25.09 ? 44  LYS A NZ  1 
ATOM   349 N  NZ  B LYS A 1 47 ? -7.639  3.354   -14.141 0.50 29.31 ? 44  LYS A NZ  1 
ATOM   350 N  N   . SER A 1 48 ? -1.596  4.756   -9.818  1.00 25.12 ? 45  SER A N   1 
ATOM   351 C  CA  A SER A 1 48 ? -0.247  5.269   -9.588  0.70 24.96 ? 45  SER A CA  1 
ATOM   352 C  CA  B SER A 1 48 ? -0.284  5.324   -9.499  0.30 24.73 ? 45  SER A CA  1 
ATOM   353 C  C   . SER A 1 48 ? 0.465   4.287   -8.669  1.00 24.37 ? 45  SER A C   1 
ATOM   354 O  O   . SER A 1 48 ? -0.145  3.343   -8.163  1.00 23.57 ? 45  SER A O   1 
ATOM   355 C  CB  A SER A 1 48 ? -0.274  6.664   -8.971  0.70 24.79 ? 45  SER A CB  1 
ATOM   356 C  CB  B SER A 1 48 ? -0.424  6.618   -8.692  0.30 24.74 ? 45  SER A CB  1 
ATOM   357 O  OG  A SER A 1 48 ? -0.725  6.594   -7.636  0.70 26.58 ? 45  SER A OG  1 
ATOM   358 O  OG  B SER A 1 48 ? -1.019  7.656   -9.448  0.30 25.61 ? 45  SER A OG  1 
ATOM   359 N  N   . GLN A 1 49 ? 1.769   4.488   -8.478  1.00 23.72 ? 46  GLN A N   1 
ATOM   360 C  CA  . GLN A 1 49 ? 2.568   3.484   -7.769  1.00 23.62 ? 46  GLN A CA  1 
ATOM   361 C  C   . GLN A 1 49 ? 3.478   4.097   -6.717  1.00 23.73 ? 46  GLN A C   1 
ATOM   362 O  O   . GLN A 1 49 ? 4.037   5.177   -6.943  1.00 23.72 ? 46  GLN A O   1 
ATOM   363 C  CB  . GLN A 1 49 ? 3.438   2.710   -8.790  1.00 23.22 ? 46  GLN A CB  1 
ATOM   364 C  CG  . GLN A 1 49 ? 2.686   1.969   -9.892  1.00 23.64 ? 46  GLN A CG  1 
ATOM   365 C  CD  . GLN A 1 49 ? 1.805   0.848   -9.356  1.00 22.81 ? 46  GLN A CD  1 
ATOM   366 O  OE1 . GLN A 1 49 ? 1.988   0.386   -8.236  1.00 23.91 ? 46  GLN A OE1 1 
ATOM   367 N  NE2 . GLN A 1 49 ? 0.840   0.417   -10.163 1.00 25.12 ? 46  GLN A NE2 1 
ATOM   368 N  N   . PRO A 1 50 ? 3.652   3.396   -5.588  1.00 24.48 ? 47  PRO A N   1 
ATOM   369 C  CA  . PRO A 1 50 ? 4.577   3.804   -4.539  1.00 24.33 ? 47  PRO A CA  1 
ATOM   370 C  C   . PRO A 1 50 ? 6.024   3.597   -5.002  1.00 24.72 ? 47  PRO A C   1 
ATOM   371 O  O   . PRO A 1 50 ? 6.288   2.755   -5.881  1.00 24.72 ? 47  PRO A O   1 
ATOM   372 C  CB  . PRO A 1 50 ? 4.253   2.852   -3.403  1.00 25.05 ? 47  PRO A CB  1 
ATOM   373 C  CG  . PRO A 1 50 ? 3.743   1.587   -4.102  1.00 24.84 ? 47  PRO A CG  1 
ATOM   374 C  CD  . PRO A 1 50 ? 2.968   2.123   -5.262  1.00 24.87 ? 47  PRO A CD  1 
ATOM   375 N  N   . SER A 1 51 ? 6.937   4.373   -4.417  1.00 24.32 ? 48  SER A N   1 
ATOM   376 C  CA  . SER A 1 51 ? 8.371   4.117   -4.579  1.00 24.40 ? 48  SER A CA  1 
ATOM   377 C  C   . SER A 1 51 ? 8.720   2.855   -3.787  1.00 23.68 ? 48  SER A C   1 
ATOM   378 O  O   . SER A 1 51 ? 7.939   2.424   -2.925  1.00 23.74 ? 48  SER A O   1 
ATOM   379 C  CB  . SER A 1 51 ? 9.162   5.306   -4.045  1.00 24.65 ? 48  SER A CB  1 
ATOM   380 O  OG  . SER A 1 51 ? 9.036   5.356   -2.634  1.00 26.19 ? 48  SER A OG  1 
ATOM   381 N  N   . LEU A 1 52 ? 9.895   2.273   -4.047  1.00 23.53 ? 49  LEU A N   1 
ATOM   382 C  CA  . LEU A 1 52 ? 10.264  1.049   -3.313  1.00 22.92 ? 49  LEU A CA  1 
ATOM   383 C  C   . LEU A 1 52 ? 10.339  1.268   -1.792  1.00 23.82 ? 49  LEU A C   1 
ATOM   384 O  O   . LEU A 1 52 ? 9.937   0.387   -1.035  1.00 24.05 ? 49  LEU A O   1 
ATOM   385 C  CB  . LEU A 1 52 ? 11.586  0.473   -3.829  1.00 22.49 ? 49  LEU A CB  1 
ATOM   386 C  CG  . LEU A 1 52 ? 11.628  0.010   -5.293  1.00 22.86 ? 49  LEU A CG  1 
ATOM   387 C  CD1 . LEU A 1 52 ? 13.001  -0.567  -5.608  1.00 21.94 ? 49  LEU A CD1 1 
ATOM   388 C  CD2 . LEU A 1 52 ? 10.545  -1.053  -5.526  1.00 25.08 ? 49  LEU A CD2 1 
ATOM   389 N  N   . ASP A 1 53 ? 10.850  2.420   -1.355  1.00 24.54 ? 50  ASP A N   1 
ATOM   390 C  CA  . ASP A 1 53 ? 10.914  2.696   0.089   1.00 25.97 ? 50  ASP A CA  1 
ATOM   391 C  C   . ASP A 1 53 ? 9.527   2.852   0.710   1.00 26.59 ? 50  ASP A C   1 
ATOM   392 O  O   . ASP A 1 53 ? 9.292   2.406   1.835   1.00 27.21 ? 50  ASP A O   1 
ATOM   393 C  CB  . ASP A 1 53 ? 11.798  3.888   0.434   1.00 26.75 ? 50  ASP A CB  1 
ATOM   394 C  CG  . ASP A 1 53 ? 11.372  5.136   -0.264  1.00 29.67 ? 50  ASP A CG  1 
ATOM   395 O  OD1 . ASP A 1 53 ? 11.420  5.145   -1.510  1.00 29.06 ? 50  ASP A OD1 1 
ATOM   396 O  OD2 . ASP A 1 53 ? 11.007  6.115   0.435   1.00 32.72 ? 50  ASP A OD2 1 
HETATM 397 N  N   . MSE A 1 54 ? 8.605   3.482   -0.010  1.00 26.79 ? 51  MSE A N   1 
HETATM 398 C  CA  A MSE A 1 54 ? 7.230   3.566   0.485   0.38 27.35 ? 51  MSE A CA  1 
HETATM 399 C  CA  C MSE A 1 54 ? 7.214   3.556   0.463   0.62 27.80 ? 51  MSE A CA  1 
HETATM 400 C  C   . MSE A 1 54 ? 6.581   2.177   0.570   1.00 27.72 ? 51  MSE A C   1 
HETATM 401 O  O   . MSE A 1 54 ? 5.843   1.902   1.500   1.00 27.77 ? 51  MSE A O   1 
HETATM 402 C  CB  A MSE A 1 54 ? 6.388   4.540   -0.347  0.38 28.28 ? 51  MSE A CB  1 
HETATM 403 C  CB  C MSE A 1 54 ? 6.365   4.406   -0.464  0.62 27.70 ? 51  MSE A CB  1 
HETATM 404 C  CG  A MSE A 1 54 ? 6.788   6.017   -0.181  0.38 29.43 ? 51  MSE A CG  1 
HETATM 405 C  CG  C MSE A 1 54 ? 6.749   5.852   -0.478  0.62 26.32 ? 51  MSE A CG  1 
HETATM 406 SE SE  A MSE A 1 54 ? 6.636   6.679   1.674   0.38 38.14 ? 51  MSE A SE  1 
HETATM 407 SE SE  C MSE A 1 54 ? 5.728   6.743   -1.850  0.62 33.17 ? 51  MSE A SE  1 
HETATM 408 C  CE  A MSE A 1 54 ? 7.404   8.478   1.500   0.38 32.01 ? 51  MSE A CE  1 
HETATM 409 C  CE  C MSE A 1 54 ? 6.937   8.269   -2.113  0.62 29.67 ? 51  MSE A CE  1 
ATOM   410 N  N   . LEU A 1 55 ? 6.875   1.309   -0.397  1.00 26.70 ? 52  LEU A N   1 
ATOM   411 C  CA  . LEU A 1 55 ? 6.359   -0.056  -0.371  1.00 27.35 ? 52  LEU A CA  1 
ATOM   412 C  C   . LEU A 1 55 ? 6.849   -0.797  0.870   1.00 27.49 ? 52  LEU A C   1 
ATOM   413 O  O   . LEU A 1 55 ? 6.073   -1.523  1.526   1.00 27.61 ? 52  LEU A O   1 
ATOM   414 C  CB  . LEU A 1 55 ? 6.733   -0.788  -1.667  1.00 28.61 ? 52  LEU A CB  1 
ATOM   415 C  CG  . LEU A 1 55 ? 5.876   -1.971  -2.125  1.00 32.70 ? 52  LEU A CG  1 
ATOM   416 C  CD1 . LEU A 1 55 ? 4.494   -1.512  -2.503  1.00 35.39 ? 52  LEU A CD1 1 
ATOM   417 C  CD2 . LEU A 1 55 ? 6.532   -2.538  -3.350  1.00 37.99 ? 52  LEU A CD2 1 
ATOM   418 N  N   . VAL A 1 56 ? 8.114   -0.605  1.209   1.00 26.43 ? 53  VAL A N   1 
ATOM   419 C  CA  . VAL A 1 56 ? 8.671   -1.190  2.438   1.00 27.34 ? 53  VAL A CA  1 
ATOM   420 C  C   . VAL A 1 56 ? 7.916   -0.698  3.687   1.00 27.35 ? 53  VAL A C   1 
ATOM   421 O  O   . VAL A 1 56 ? 7.611   -1.512  4.592   1.00 28.23 ? 53  VAL A O   1 
ATOM   422 C  CB  . VAL A 1 56 ? 10.195  -0.932  2.588   1.00 27.81 ? 53  VAL A CB  1 
ATOM   423 C  CG1 . VAL A 1 56 ? 10.699  -1.346  3.981   1.00 28.23 ? 53  VAL A CG1 1 
ATOM   424 C  CG2 . VAL A 1 56 ? 10.946  -1.697  1.507   1.00 28.23 ? 53  VAL A CG2 1 
ATOM   425 N  N   . LYS A 1 57 ? 7.621   0.604   3.758   1.00 26.53 ? 54  LYS A N   1 
ATOM   426 C  CA  A LYS A 1 57 ? 6.875   1.125   4.918   0.50 27.71 ? 54  LYS A CA  1 
ATOM   427 C  CA  B LYS A 1 57 ? 6.857   1.163   4.889   0.50 27.11 ? 54  LYS A CA  1 
ATOM   428 C  C   . LYS A 1 57 ? 5.459   0.543   4.955   1.00 27.39 ? 54  LYS A C   1 
ATOM   429 O  O   . LYS A 1 57 ? 4.968   0.160   6.031   1.00 27.23 ? 54  LYS A O   1 
ATOM   430 C  CB  A LYS A 1 57 ? 6.836   2.661   4.937   0.50 28.54 ? 54  LYS A CB  1 
ATOM   431 C  CB  B LYS A 1 57 ? 6.764   2.696   4.785   0.50 27.30 ? 54  LYS A CB  1 
ATOM   432 C  CG  A LYS A 1 57 ? 7.058   3.306   6.328   0.50 31.15 ? 54  LYS A CG  1 
ATOM   433 C  CG  B LYS A 1 57 ? 5.979   3.348   5.927   0.50 27.67 ? 54  LYS A CG  1 
ATOM   434 C  CD  A LYS A 1 57 ? 6.071   2.868   7.400   0.50 33.45 ? 54  LYS A CD  1 
ATOM   435 C  CD  B LYS A 1 57 ? 6.324   4.819   6.109   0.50 32.19 ? 54  LYS A CD  1 
ATOM   436 C  CE  A LYS A 1 57 ? 6.081   3.792   8.623   0.50 33.91 ? 54  LYS A CE  1 
ATOM   437 C  CE  B LYS A 1 57 ? 5.825   5.307   7.461   0.50 31.97 ? 54  LYS A CE  1 
ATOM   438 N  NZ  A LYS A 1 57 ? 5.335   5.069   8.386   0.50 36.42 ? 54  LYS A NZ  1 
ATOM   439 N  NZ  B LYS A 1 57 ? 6.206   6.712   7.762   0.50 35.41 ? 54  LYS A NZ  1 
ATOM   440 N  N   . VAL A 1 58 ? 4.799   0.451   3.802   1.00 26.16 ? 55  VAL A N   1 
ATOM   441 C  CA  . VAL A 1 58 ? 3.464   -0.158  3.773   1.00 26.58 ? 55  VAL A CA  1 
ATOM   442 C  C   . VAL A 1 58 ? 3.516   -1.595  4.298   1.00 26.24 ? 55  VAL A C   1 
ATOM   443 O  O   . VAL A 1 58 ? 2.646   -2.039  5.072   1.00 26.10 ? 55  VAL A O   1 
ATOM   444 C  CB  . VAL A 1 58 ? 2.890   -0.160  2.347   1.00 26.37 ? 55  VAL A CB  1 
ATOM   445 C  CG1 . VAL A 1 58 ? 1.546   -0.916  2.293   1.00 28.55 ? 55  VAL A CG1 1 
ATOM   446 C  CG2 . VAL A 1 58 ? 2.684   1.277   1.802   1.00 27.27 ? 55  VAL A CG2 1 
ATOM   447 N  N   . ALA A 1 59 ? 4.527   -2.327  3.854   1.00 27.02 ? 56  ALA A N   1 
ATOM   448 C  CA  . ALA A 1 59 ? 4.689   -3.738  4.260   1.00 27.50 ? 56  ALA A CA  1 
ATOM   449 C  C   . ALA A 1 59 ? 4.900   -3.841  5.783   1.00 28.17 ? 56  ALA A C   1 
ATOM   450 O  O   . ALA A 1 59 ? 4.315   -4.718  6.447   1.00 27.76 ? 56  ALA A O   1 
ATOM   451 C  CB  . ALA A 1 59 ? 5.838   -4.370  3.490   1.00 28.52 ? 56  ALA A CB  1 
ATOM   452 N  N   . GLU A 1 60 ? 5.713   -2.943  6.327   1.00 27.71 ? 57  GLU A N   1 
ATOM   453 C  CA  A GLU A 1 60 ? 5.965   -2.923  7.773   0.60 28.19 ? 57  GLU A CA  1 
ATOM   454 C  CA  B GLU A 1 60 ? 5.968   -2.919  7.770   0.40 28.05 ? 57  GLU A CA  1 
ATOM   455 C  C   . GLU A 1 60 ? 4.649   -2.704  8.513   1.00 27.93 ? 57  GLU A C   1 
ATOM   456 O  O   . GLU A 1 60 ? 4.337   -3.422  9.488   1.00 28.46 ? 57  GLU A O   1 
ATOM   457 C  CB  A GLU A 1 60 ? 6.989   -1.843  8.138   0.60 28.62 ? 57  GLU A CB  1 
ATOM   458 C  CB  B GLU A 1 60 ? 6.956   -1.808  8.111   0.40 28.27 ? 57  GLU A CB  1 
ATOM   459 C  CG  A GLU A 1 60 ? 8.402   -2.230  7.744   0.60 31.55 ? 57  GLU A CG  1 
ATOM   460 C  CG  B GLU A 1 60 ? 7.582   -1.880  9.492   0.40 30.35 ? 57  GLU A CG  1 
ATOM   461 C  CD  A GLU A 1 60 ? 9.402   -1.080  7.780   0.60 36.27 ? 57  GLU A CD  1 
ATOM   462 C  CD  B GLU A 1 60 ? 8.499   -0.700  9.717   0.40 31.27 ? 57  GLU A CD  1 
ATOM   463 O  OE1 A GLU A 1 60 ? 9.016   0.092   8.005   0.60 38.11 ? 57  GLU A OE1 1 
ATOM   464 O  OE1 B GLU A 1 60 ? 9.733   -0.879  9.638   0.40 34.81 ? 57  GLU A OE1 1 
ATOM   465 O  OE2 A GLU A 1 60 ? 10.597  -1.363  7.564   0.60 37.55 ? 57  GLU A OE2 1 
ATOM   466 O  OE2 B GLU A 1 60 ? 7.983   0.420   9.923   0.40 33.95 ? 57  GLU A OE2 1 
ATOM   467 N  N   . LEU A 1 61 ? 3.866   -1.741  8.034   1.00 26.82 ? 58  LEU A N   1 
ATOM   468 C  CA  . LEU A 1 61 ? 2.574   -1.394  8.658   1.00 26.99 ? 58  LEU A CA  1 
ATOM   469 C  C   . LEU A 1 61 ? 1.545   -2.526  8.579   1.00 28.04 ? 58  LEU A C   1 
ATOM   470 O  O   . LEU A 1 61 ? 0.735   -2.688  9.503   1.00 28.75 ? 58  LEU A O   1 
ATOM   471 C  CB  . LEU A 1 61 ? 1.992   -0.129  8.020   1.00 27.32 ? 58  LEU A CB  1 
ATOM   472 C  CG  . LEU A 1 61 ? 2.716   1.175   8.345   1.00 27.08 ? 58  LEU A CG  1 
ATOM   473 C  CD1 . LEU A 1 61 ? 2.200   2.289   7.482   1.00 29.13 ? 58  LEU A CD1 1 
ATOM   474 C  CD2 . LEU A 1 61 ? 2.536   1.529   9.836   1.00 27.70 ? 58  LEU A CD2 1 
ATOM   475 N  N   . LEU A 1 62 ? 1.584   -3.300  7.493   1.00 27.92 ? 59  LEU A N   1 
ATOM   476 C  CA  . LEU A 1 62 ? 0.650   -4.420  7.308   1.00 27.44 ? 59  LEU A CA  1 
ATOM   477 C  C   . LEU A 1 62 ? 1.200   -5.749  7.821   1.00 28.43 ? 59  LEU A C   1 
ATOM   478 O  O   . LEU A 1 62 ? 0.517   -6.781  7.720   1.00 28.31 ? 59  LEU A O   1 
ATOM   479 C  CB  . LEU A 1 62 ? 0.225   -4.538  5.840   1.00 27.75 ? 59  LEU A CB  1 
ATOM   480 C  CG  . LEU A 1 62 ? -0.522  -3.305  5.322   1.00 29.00 ? 59  LEU A CG  1 
ATOM   481 C  CD1 . LEU A 1 62 ? -0.802  -3.429  3.840   1.00 29.27 ? 59  LEU A CD1 1 
ATOM   482 C  CD2 . LEU A 1 62 ? -1.834  -3.055  6.094   1.00 32.87 ? 59  LEU A CD2 1 
ATOM   483 N  N   . ASN A 1 63 ? 2.429   -5.724  8.350   1.00 27.78 ? 60  ASN A N   1 
ATOM   484 C  CA  . ASN A 1 63 ? 3.085   -6.932  8.866   1.00 28.65 ? 60  ASN A CA  1 
ATOM   485 C  C   . ASN A 1 63 ? 3.249   -8.033  7.822   1.00 28.70 ? 60  ASN A C   1 
ATOM   486 O  O   . ASN A 1 63 ? 2.995   -9.229  8.103   1.00 29.12 ? 60  ASN A O   1 
ATOM   487 C  CB  . ASN A 1 63 ? 2.341   -7.492  10.094  1.00 28.96 ? 60  ASN A CB  1 
ATOM   488 C  CG  . ASN A 1 63 ? 2.286   -6.495  11.239  1.00 31.47 ? 60  ASN A CG  1 
ATOM   489 O  OD1 . ASN A 1 63 ? 3.265   -5.812  11.538  1.00 31.47 ? 60  ASN A OD1 1 
ATOM   490 N  ND2 . ASN A 1 63 ? 1.127   -6.397  11.875  1.00 32.03 ? 60  ASN A ND2 1 
ATOM   491 N  N   . VAL A 1 64 ? 3.666   -7.627  6.616   1.00 28.91 ? 61  VAL A N   1 
ATOM   492 C  CA  . VAL A 1 64 ? 3.964   -8.594  5.554   1.00 28.76 ? 61  VAL A CA  1 
ATOM   493 C  C   . VAL A 1 64 ? 5.346   -8.311  4.976   1.00 28.84 ? 61  VAL A C   1 
ATOM   494 O  O   . VAL A 1 64 ? 5.895   -7.210  5.169   1.00 28.39 ? 61  VAL A O   1 
ATOM   495 C  CB  . VAL A 1 64 ? 2.919   -8.554  4.402   1.00 28.91 ? 61  VAL A CB  1 
ATOM   496 C  CG1 . VAL A 1 64 ? 1.509   -8.906  4.920   1.00 28.58 ? 61  VAL A CG1 1 
ATOM   497 C  CG2 . VAL A 1 64 ? 2.902   -7.169  3.702   1.00 28.08 ? 61  VAL A CG2 1 
ATOM   498 N  N   . ASP A 1 65 ? 5.918   -9.322  4.312   1.00 28.63 ? 62  ASP A N   1 
ATOM   499 C  CA  A ASP A 1 65 ? 7.138   -9.154  3.508   0.50 29.05 ? 62  ASP A CA  1 
ATOM   500 C  CA  B ASP A 1 65 ? 7.134   -9.109  3.548   0.50 29.24 ? 62  ASP A CA  1 
ATOM   501 C  C   . ASP A 1 65 ? 6.820   -8.199  2.361   1.00 29.14 ? 62  ASP A C   1 
ATOM   502 O  O   . ASP A 1 65 ? 5.787   -8.355  1.703   1.00 28.86 ? 62  ASP A O   1 
ATOM   503 C  CB  A ASP A 1 65 ? 7.570   -10.512 2.933   0.50 29.07 ? 62  ASP A CB  1 
ATOM   504 C  CB  B ASP A 1 65 ? 7.715   -10.449 3.097   0.50 29.46 ? 62  ASP A CB  1 
ATOM   505 C  CG  A ASP A 1 65 ? 8.974   -10.493 2.305   0.50 29.99 ? 62  ASP A CG  1 
ATOM   506 C  CG  B ASP A 1 65 ? 8.091   -11.340 4.268   0.50 31.23 ? 62  ASP A CG  1 
ATOM   507 O  OD1 A ASP A 1 65 ? 9.298   -9.635  1.447   0.50 30.73 ? 62  ASP A OD1 1 
ATOM   508 O  OD1 B ASP A 1 65 ? 8.469   -10.800 5.333   0.50 33.13 ? 62  ASP A OD1 1 
ATOM   509 O  OD2 A ASP A 1 65 ? 9.767   -11.396 2.655   0.50 32.83 ? 62  ASP A OD2 1 
ATOM   510 O  OD2 B ASP A 1 65 ? 8.009   -12.581 4.126   0.50 34.12 ? 62  ASP A OD2 1 
ATOM   511 N  N   . PRO A 1 66 ? 7.683   -7.191  2.105   1.00 29.58 ? 63  PRO A N   1 
ATOM   512 C  CA  . PRO A 1 66 ? 7.318   -6.294  0.981   1.00 29.65 ? 63  PRO A CA  1 
ATOM   513 C  C   . PRO A 1 66 ? 7.118   -6.991  -0.373  1.00 29.07 ? 63  PRO A C   1 
ATOM   514 O  O   . PRO A 1 66 ? 6.377   -6.478  -1.222  1.00 29.60 ? 63  PRO A O   1 
ATOM   515 C  CB  . PRO A 1 66 ? 8.483   -5.285  0.898   1.00 30.91 ? 63  PRO A CB  1 
ATOM   516 C  CG  . PRO A 1 66 ? 9.470   -5.689  1.911   1.00 30.37 ? 63  PRO A CG  1 
ATOM   517 C  CD  . PRO A 1 66 ? 8.916   -6.768  2.798   1.00 30.45 ? 63  PRO A CD  1 
ATOM   518 N  N   . ARG A 1 67 ? 7.755   -8.142  -0.581  1.00 29.29 ? 64  ARG A N   1 
ATOM   519 C  CA  A ARG A 1 67 ? 7.588   -8.918  -1.818  0.50 29.86 ? 64  ARG A CA  1 
ATOM   520 C  CA  B ARG A 1 67 ? 7.570   -8.841  -1.842  0.50 29.68 ? 64  ARG A CA  1 
ATOM   521 C  C   . ARG A 1 67 ? 6.111   -9.253  -2.066  1.00 29.15 ? 64  ARG A C   1 
ATOM   522 O  O   . ARG A 1 67 ? 5.674   -9.404  -3.220  1.00 29.61 ? 64  ARG A O   1 
ATOM   523 C  CB  A ARG A 1 67 ? 8.450   -10.204 -1.791  0.50 29.75 ? 64  ARG A CB  1 
ATOM   524 C  CB  B ARG A 1 67 ? 8.574   -9.995  -1.962  0.50 30.13 ? 64  ARG A CB  1 
ATOM   525 C  CG  A ARG A 1 67 ? 7.819   -11.394 -1.077  0.50 30.38 ? 64  ARG A CG  1 
ATOM   526 C  CG  B ARG A 1 67 ? 9.969   -9.447  -2.246  0.50 32.00 ? 64  ARG A CG  1 
ATOM   527 C  CD  A ARG A 1 67 ? 8.687   -12.658 -1.067  0.50 31.99 ? 64  ARG A CD  1 
ATOM   528 C  CD  B ARG A 1 67 ? 11.098  -10.138 -1.477  0.50 34.91 ? 64  ARG A CD  1 
ATOM   529 N  NE  A ARG A 1 67 ? 9.016   -13.087 0.297   0.50 38.44 ? 64  ARG A NE  1 
ATOM   530 N  NE  B ARG A 1 67 ? 12.314  -9.314  -1.506  0.50 35.05 ? 64  ARG A NE  1 
ATOM   531 C  CZ  A ARG A 1 67 ? 8.128   -13.481 1.213   0.50 39.46 ? 64  ARG A CZ  1 
ATOM   532 C  CZ  B ARG A 1 67 ? 12.670  -8.448  -0.557  0.50 36.66 ? 64  ARG A CZ  1 
ATOM   533 N  NH1 A ARG A 1 67 ? 8.539   -13.852 2.421   0.50 40.18 ? 64  ARG A NH1 1 
ATOM   534 N  NH1 B ARG A 1 67 ? 11.919  -8.286  0.528   0.50 35.91 ? 64  ARG A NH1 1 
ATOM   535 N  NH2 A ARG A 1 67 ? 6.830   -13.502 0.939   0.50 41.45 ? 64  ARG A NH2 1 
ATOM   536 N  NH2 B ARG A 1 67 ? 13.790  -7.741  -0.692  0.50 36.91 ? 64  ARG A NH2 1 
ATOM   537 N  N   . GLN A 1 68 ? 5.360   -9.388  -0.969  1.00 28.04 ? 65  GLN A N   1 
ATOM   538 C  CA  A GLN A 1 68 ? 3.935   -9.714  -1.055  0.50 27.97 ? 65  GLN A CA  1 
ATOM   539 C  CA  B GLN A 1 68 ? 3.919   -9.676  -0.988  0.50 27.91 ? 65  GLN A CA  1 
ATOM   540 C  C   . GLN A 1 68 ? 3.097   -8.555  -1.597  1.00 27.40 ? 65  GLN A C   1 
ATOM   541 O  O   . GLN A 1 68 ? 1.935   -8.757  -2.000  1.00 27.30 ? 65  GLN A O   1 
ATOM   542 C  CB  A GLN A 1 68 ? 3.409   -10.209 0.296   0.50 28.31 ? 65  GLN A CB  1 
ATOM   543 C  CB  B GLN A 1 68 ? 3.411   -9.951  0.430   0.50 27.90 ? 65  GLN A CB  1 
ATOM   544 C  CG  A GLN A 1 68 ? 4.324   -11.280 0.931   0.50 29.70 ? 65  GLN A CG  1 
ATOM   545 C  CG  B GLN A 1 68 ? 3.767   -11.343 0.908   0.50 30.15 ? 65  GLN A CG  1 
ATOM   546 C  CD  A GLN A 1 68 ? 4.237   -12.663 0.275   0.50 33.37 ? 65  GLN A CD  1 
ATOM   547 C  CD  B GLN A 1 68 ? 2.971   -12.403 0.168   0.50 30.65 ? 65  GLN A CD  1 
ATOM   548 O  OE1 A GLN A 1 68 ? 4.305   -12.815 -0.957  0.50 35.99 ? 65  GLN A OE1 1 
ATOM   549 O  OE1 B GLN A 1 68 ? 3.472   -13.061 -0.751  0.50 34.93 ? 65  GLN A OE1 1 
ATOM   550 N  NE2 A GLN A 1 68 ? 4.107   -13.687 1.109   0.50 32.78 ? 65  GLN A NE2 1 
ATOM   551 N  NE2 B GLN A 1 68 ? 1.720   -12.551 0.545   0.50 33.45 ? 65  GLN A NE2 1 
ATOM   552 N  N   . LEU A 1 69 ? 3.682   -7.355  -1.647  1.00 25.77 ? 66  LEU A N   1 
ATOM   553 C  CA  . LEU A 1 69 ? 2.939   -6.215  -2.175  1.00 25.82 ? 66  LEU A CA  1 
ATOM   554 C  C   . LEU A 1 69 ? 3.164   -5.984  -3.668  1.00 25.46 ? 66  LEU A C   1 
ATOM   555 O  O   . LEU A 1 69 ? 2.640   -5.004  -4.213  1.00 26.17 ? 66  LEU A O   1 
ATOM   556 C  CB  . LEU A 1 69 ? 3.298   -4.946  -1.413  1.00 26.06 ? 66  LEU A CB  1 
ATOM   557 C  CG  . LEU A 1 69 ? 2.979   -4.986  0.073   1.00 27.25 ? 66  LEU A CG  1 
ATOM   558 C  CD1 . LEU A 1 69 ? 3.370   -3.640  0.723   1.00 28.10 ? 66  LEU A CD1 1 
ATOM   559 C  CD2 . LEU A 1 69 ? 1.516   -5.290  0.356   1.00 27.79 ? 66  LEU A CD2 1 
ATOM   560 N  N   . ILE A 1 70 ? 3.930   -6.859  -4.314  1.00 26.07 ? 67  ILE A N   1 
ATOM   561 C  CA  . ILE A 1 70 ? 4.253   -6.676  -5.724  1.00 27.18 ? 67  ILE A CA  1 
ATOM   562 C  C   . ILE A 1 70 ? 3.632   -7.797  -6.555  1.00 27.96 ? 67  ILE A C   1 
ATOM   563 O  O   . ILE A 1 70 ? 3.663   -8.975  -6.158  1.00 28.50 ? 67  ILE A O   1 
ATOM   564 C  CB  . ILE A 1 70 ? 5.780   -6.623  -5.944  1.00 27.25 ? 67  ILE A CB  1 
ATOM   565 C  CG1 . ILE A 1 70 ? 6.353   -5.407  -5.197  1.00 28.15 ? 67  ILE A CG1 1 
ATOM   566 C  CG2 . ILE A 1 70 ? 6.115   -6.535  -7.449  1.00 29.01 ? 67  ILE A CG2 1 
ATOM   567 C  CD1 . ILE A 1 70 ? 7.852   -5.164  -5.418  1.00 28.66 ? 67  ILE A CD1 1 
ATOM   568 N  N   . ASN A 1 71 ? 3.068   -7.420  -7.697  1.00 28.01 ? 68  ASN A N   1 
ATOM   569 C  CA  . ASN A 1 71 ? 2.498   -8.374  -8.649  1.00 29.96 ? 68  ASN A CA  1 
ATOM   570 C  C   . ASN A 1 71 ? 3.193   -8.282  -10.014 1.00 30.87 ? 68  ASN A C   1 
ATOM   571 O  O   . ASN A 1 71 ? 3.162   -7.226  -10.657 1.00 31.11 ? 68  ASN A O   1 
ATOM   572 C  CB  . ASN A 1 71 ? 0.986   -8.117  -8.774  1.00 30.59 ? 68  ASN A CB  1 
ATOM   573 C  CG  . ASN A 1 71 ? 0.319   -9.037  -9.768  1.00 32.21 ? 68  ASN A CG  1 
ATOM   574 O  OD1 . ASN A 1 71 ? 0.809   -10.132 -10.043 1.00 33.38 ? 68  ASN A OD1 1 
ATOM   575 N  ND2 . ASN A 1 71 ? -0.814  -8.599  -10.317 1.00 34.26 ? 68  ASN A ND2 1 
HETATM 576 S  S   . SO4 B 2 .  ? 0.964   12.861  -0.592  0.80 61.65 ? 101 SO4 A S   1 
HETATM 577 O  O1  . SO4 B 2 .  ? 0.805   14.267  -0.957  0.80 62.30 ? 101 SO4 A O1  1 
HETATM 578 O  O2  . SO4 B 2 .  ? 1.602   12.785  0.718   0.80 61.98 ? 101 SO4 A O2  1 
HETATM 579 O  O3  . SO4 B 2 .  ? -0.345  12.221  -0.549  0.80 60.38 ? 101 SO4 A O3  1 
HETATM 580 O  O4  . SO4 B 2 .  ? 1.807   12.198  -1.589  0.80 61.42 ? 101 SO4 A O4  1 
HETATM 581 C  C1  . EDO C 3 .  ? 7.553   -16.888 -0.145  1.00 75.96 ? 102 EDO A C1  1 
HETATM 582 O  O1  . EDO C 3 .  ? 7.465   -15.753 -1.015  1.00 75.57 ? 102 EDO A O1  1 
HETATM 583 C  C2  . EDO C 3 .  ? 6.423   -16.837 0.873   1.00 76.01 ? 102 EDO A C2  1 
HETATM 584 O  O2  . EDO C 3 .  ? 6.780   -17.609 2.026   1.00 76.41 ? 102 EDO A O2  1 
HETATM 585 O  O   . HOH D 4 .  ? -3.552  -2.703  -5.246  1.00 20.03 ? 103 HOH A O   1 
HETATM 586 O  O   . HOH D 4 .  ? -8.710  -3.066  0.197   1.00 25.23 ? 104 HOH A O   1 
HETATM 587 O  O   . HOH D 4 .  ? -4.148  -13.678 -1.661  1.00 22.16 ? 105 HOH A O   1 
HETATM 588 O  O   . HOH D 4 .  ? 12.809  7.346   -2.406  1.00 27.79 ? 106 HOH A O   1 
HETATM 589 O  O   . HOH D 4 .  ? 3.124   -11.583 -6.354  1.00 28.04 ? 107 HOH A O   1 
HETATM 590 O  O   . HOH D 4 .  ? -1.728  -11.922 -0.085  1.00 23.12 ? 108 HOH A O   1 
HETATM 591 O  O   . HOH D 4 .  ? -8.468  0.154   9.415   1.00 25.70 ? 109 HOH A O   1 
HETATM 592 O  O   . HOH D 4 .  ? -0.208  -14.132 0.888   1.00 31.36 ? 110 HOH A O   1 
HETATM 593 O  O   . HOH D 4 .  ? 1.037   -2.128  12.114  1.00 28.32 ? 111 HOH A O   1 
HETATM 594 O  O   . HOH D 4 .  ? -2.036  -10.973 3.591   1.00 37.01 ? 112 HOH A O   1 
HETATM 595 O  O   . HOH D 4 .  ? 4.569   -11.889 4.314   1.00 32.94 ? 113 HOH A O   1 
HETATM 596 O  O   . HOH D 4 .  ? 5.455   7.169   -5.570  1.00 35.62 ? 114 HOH A O   1 
HETATM 597 O  O   . HOH D 4 .  ? 7.830   -5.986  6.601   1.00 32.83 ? 115 HOH A O   1 
HETATM 598 O  O   . HOH D 4 .  ? 5.953   -5.244  10.602  1.00 43.84 ? 116 HOH A O   1 
HETATM 599 O  O   . HOH D 4 .  ? -10.447 0.958   2.358   1.00 40.45 ? 117 HOH A O   1 
HETATM 600 O  O   . HOH D 4 .  ? 9.075   -3.911  5.287   1.00 38.37 ? 118 HOH A O   1 
HETATM 601 O  O   . HOH D 4 .  ? 3.679   -3.011  12.437  1.00 47.08 ? 119 HOH A O   1 
HETATM 602 O  O   . HOH D 4 .  ? -7.525  12.675  0.033   1.00 44.96 ? 120 HOH A O   1 
HETATM 603 O  O   . HOH D 4 .  ? -9.535  -2.613  2.846   1.00 36.38 ? 121 HOH A O   1 
HETATM 604 O  O   . HOH D 4 .  ? -10.794 4.247   3.873   1.00 35.63 ? 122 HOH A O   1 
HETATM 605 O  O   . HOH D 4 .  ? 5.176   -11.653 -4.603  1.00 40.38 ? 123 HOH A O   1 
HETATM 606 O  O   . HOH D 4 .  ? 5.465   7.782   4.974   1.00 42.95 ? 124 HOH A O   1 
HETATM 607 O  O   . HOH D 4 .  ? -5.937  -2.721  -8.240  1.00 40.54 ? 125 HOH A O   1 
HETATM 608 O  O   . HOH D 4 .  ? 0.275   0.204   13.561  1.00 44.58 ? 126 HOH A O   1 
HETATM 609 O  O   . HOH D 4 .  ? -6.561  12.511  3.039   1.00 42.84 ? 127 HOH A O   1 
HETATM 610 O  O   . HOH D 4 .  ? -8.596  -0.278  -0.763  1.00 43.92 ? 128 HOH A O   1 
HETATM 611 O  O   . HOH D 4 .  ? 0.818   1.523   -12.936 1.00 43.70 ? 129 HOH A O   1 
HETATM 612 O  O   . HOH D 4 .  ? -12.541 -6.043  9.804   1.00 37.65 ? 130 HOH A O   1 
HETATM 613 O  O   . HOH D 4 .  ? 1.536   -11.501 8.220   1.00 42.60 ? 131 HOH A O   1 
HETATM 614 O  O   . HOH D 4 .  ? -11.190 -6.680  5.080   1.00 37.76 ? 132 HOH A O   1 
HETATM 615 O  O   . HOH D 4 .  ? -2.944  -12.562 5.554   1.00 43.74 ? 133 HOH A O   1 
HETATM 616 O  O   . HOH D 4 .  ? -2.958  -12.452 9.729   1.00 43.49 ? 134 HOH A O   1 
HETATM 617 O  O   . HOH D 4 .  ? 0.484   -11.251 2.395   1.00 38.04 ? 135 HOH A O   1 
HETATM 618 O  O   . HOH D 4 .  ? -9.301  -11.382 7.102   1.00 52.41 ? 136 HOH A O   1 
HETATM 619 O  O   . HOH D 4 .  ? 7.775   8.204   -6.358  0.50 39.45 ? 137 HOH A O   1 
HETATM 620 O  O   . HOH D 4 .  ? 1.940   8.158   -5.942  1.00 34.57 ? 138 HOH A O   1 
HETATM 621 O  O   . HOH D 4 .  ? -7.771  10.309  -8.062  1.00 58.65 ? 139 HOH A O   1 
HETATM 622 O  O   . HOH D 4 .  ? -4.077  11.216  5.946   1.00 46.17 ? 140 HOH A O   1 
HETATM 623 O  O   . HOH D 4 .  ? -0.967  -14.086 9.932   1.00 51.80 ? 141 HOH A O   1 
HETATM 624 O  O   . HOH D 4 .  ? 14.811  6.006   0.104   1.00 49.77 ? 142 HOH A O   1 
HETATM 625 O  O   . HOH D 4 .  ? -9.008  2.429   -4.780  1.00 43.95 ? 143 HOH A O   1 
HETATM 626 O  O   . HOH D 4 .  ? -9.206  -7.805  -2.203  1.00 42.36 ? 144 HOH A O   1 
HETATM 627 O  O   . HOH D 4 .  ? 9.973   8.394   -0.193  1.00 39.40 ? 145 HOH A O   1 
HETATM 628 O  O   . HOH D 4 .  ? -0.818  10.152  -6.634  1.00 49.23 ? 146 HOH A O   1 
HETATM 629 O  O   . HOH D 4 .  ? -6.488  8.586   -13.783 1.00 55.61 ? 147 HOH A O   1 
HETATM 630 O  O   . HOH D 4 .  ? -11.054 -3.767  -0.987  1.00 44.08 ? 148 HOH A O   1 
HETATM 631 O  O   . HOH D 4 .  ? 11.192  2.633   3.898   1.00 38.36 ? 149 HOH A O   1 
HETATM 632 O  O   . HOH D 4 .  ? -0.696  11.367  9.082   1.00 48.26 ? 150 HOH A O   1 
HETATM 633 O  O   . HOH D 4 .  ? -11.122 -3.696  5.801   1.00 56.94 ? 151 HOH A O   1 
HETATM 634 O  O   . HOH D 4 .  ? -8.498  5.385   -7.410  1.00 56.25 ? 152 HOH A O   1 
HETATM 635 O  O   . HOH D 4 .  ? 4.613   12.227  2.120   1.00 54.79 ? 153 HOH A O   1 
HETATM 636 O  O   . HOH D 4 .  ? 13.583  1.052   3.109   1.00 51.17 ? 154 HOH A O   1 
HETATM 637 O  O   . HOH D 4 .  ? -8.448  11.036  7.576   1.00 54.93 ? 155 HOH A O   1 
HETATM 638 O  O   . HOH D 4 .  ? 3.713   5.019   10.696  1.00 60.75 ? 156 HOH A O   1 
HETATM 639 O  O   . HOH D 4 .  ? -11.130 -6.110  -2.052  1.00 50.53 ? 157 HOH A O   1 
HETATM 640 O  O   . HOH D 4 .  ? 10.554  1.837   6.621   1.00 58.36 ? 158 HOH A O   1 
HETATM 641 O  O   . HOH D 4 .  ? 0.576   10.099  -9.808  1.00 52.55 ? 159 HOH A O   1 
HETATM 642 O  O   . HOH D 4 .  ? -10.264 5.564   -0.326  1.00 46.90 ? 160 HOH A O   1 
HETATM 643 O  O   . HOH D 4 .  ? -5.279  14.713  2.867   1.00 58.51 ? 161 HOH A O   1 
HETATM 644 O  O   . HOH D 4 .  ? 6.294   -10.378 -8.280  1.00 55.48 ? 162 HOH A O   1 
HETATM 645 O  O   . HOH D 4 .  ? -9.002  8.193   12.551  1.00 66.01 ? 163 HOH A O   1 
HETATM 646 O  O   . HOH D 4 .  ? 4.777   11.020  4.246   1.00 57.69 ? 164 HOH A O   1 
HETATM 647 O  O   . HOH D 4 .  ? -9.538  0.968   -2.863  1.00 49.29 ? 165 HOH A O   1 
HETATM 648 O  O   . HOH D 4 .  ? -11.624 5.806   -13.249 1.00 67.52 ? 166 HOH A O   1 
HETATM 649 O  O   . HOH D 4 .  ? -5.383  -12.382 6.762   1.00 43.95 ? 167 HOH A O   1 
HETATM 650 O  O   . HOH D 4 .  ? -3.025  6.139   -14.154 1.00 55.01 ? 168 HOH A O   1 
HETATM 651 O  O   . HOH D 4 .  ? -3.493  14.044  -3.041  1.00 58.27 ? 169 HOH A O   1 
HETATM 652 O  O   . HOH D 4 .  ? 5.123   -0.763  11.731  1.00 70.45 ? 170 HOH A O   1 
HETATM 653 O  O   . HOH D 4 .  ? -5.449  15.347  -2.155  1.00 56.88 ? 171 HOH A O   1 
HETATM 654 O  O   . HOH D 4 .  ? -6.646  -13.957 4.688   1.00 43.77 ? 172 HOH A O   1 
HETATM 655 O  O   . HOH D 4 .  ? -9.134  -12.622 3.363   1.00 53.68 ? 173 HOH A O   1 
HETATM 656 O  O   . HOH D 4 .  ? -11.094 -10.685 5.573   1.00 67.41 ? 174 HOH A O   1 
HETATM 657 O  O   . HOH D 4 .  ? 3.711   8.784   -4.341  1.00 42.08 ? 175 HOH A O   1 
HETATM 658 O  O   . HOH D 4 .  ? 3.753   10.118  -2.261  1.00 47.93 ? 176 HOH A O   1 
HETATM 659 O  O   . HOH D 4 .  ? 4.458   8.298   8.913   1.00 59.57 ? 177 HOH A O   1 
HETATM 660 O  O   . HOH D 4 .  ? 1.880   -12.477 4.628   1.00 58.07 ? 178 HOH A O   1 
HETATM 661 O  O   . HOH D 4 .  ? 3.763   -0.383  -12.864 1.00 43.12 ? 179 HOH A O   1 
HETATM 662 O  O   . HOH D 4 .  ? 7.987   -6.132  9.238   1.00 52.63 ? 180 HOH A O   1 
HETATM 663 O  O   . HOH D 4 .  ? -1.616  -3.885  10.252  1.00 22.68 ? 181 HOH A O   1 
HETATM 664 O  O   . HOH D 4 .  ? -4.029  5.630   11.769  1.00 55.86 ? 182 HOH A O   1 
HETATM 665 O  O   . HOH D 4 .  ? -9.216  -2.665  -8.209  1.00 72.39 ? 183 HOH A O   1 
HETATM 666 O  O   . HOH D 4 .  ? 2.768   14.117  6.421   1.00 64.43 ? 184 HOH A O   1 
HETATM 667 O  O   . HOH D 4 .  ? -4.249  -5.349  -4.706  1.00 48.48 ? 185 HOH A O   1 
# 
